data_4DYA
#
_entry.id   4DYA
#
_cell.length_a   145.496
_cell.length_b   145.496
_cell.length_c   145.496
_cell.angle_alpha   90.000
_cell.angle_beta   90.000
_cell.angle_gamma   90.000
#
_symmetry.space_group_name_H-M   'P 21 3'
#
loop_
_entity.id
_entity.type
_entity.pdbx_description
1 polymer 'Nucleocapsid protein'
2 non-polymer N-[4-chloranyl-5-[4-[[3-(2-methoxyphenyl)-5-methyl-1,2-oxazol-4-yl]carbonyl]piperazin-1-yl]-2-nitro-phenyl]furan-2-carboxamide
3 water water
#
_entity_poly.entity_id   1
_entity_poly.type   'polypeptide(L)'
_entity_poly.pdbx_seq_one_letter_code
;RSYEQMETDGERQNATEIRASVGKMIDGIGRFYIQMCTELKLSDYEGRLIQNSLTIERMVLSAFDERRNKYLEEHPSAGK
DPKKTGGPIYRRVDGKWRRELILYDKEEIRRIWRQANNGDDATAGLTHMMIWHSNLNDATYQRTRALVRTGMDPRMCSLM
QGSTLPRRSGAAGAAVKGVGTMVMELIRMIKRGINDRNFWRGENGRRTRIAYERMCNILKGKFQTAAQRTMVDQVRESRN
PGNAEFEDLIFLARSALILRGSVAHKSCLPACVYGSAVASGYDFEREGYSLVGIDPFRLLQNSQVYSLIRPNENPAHKSQ
LVWMACHSAAFEDLRVSSFIRGTKVVPRGKLSTRGVQIASNENMETMESSTLELRSRYWAIRTRSGGNTNQQRASSGQIS
IQPTFSVQRNLPFDRPTIMAAFTGNTEGRTSDMRTEIIRLMESARPEDVSFQGRGVFELSDEKATSPIVPSFDMSNEGSY
FFGDNAEEYDNLEHHHHHH
;
_entity_poly.pdbx_strand_id   A,B
#
loop_
_chem_comp.id
_chem_comp.type
_chem_comp.name
_chem_comp.formula
0MF non-polymer N-[4-chloranyl-5-[4-[[3-(2-methoxyphenyl)-5-methyl-1,2-oxazol-4-yl]carbonyl]piperazin-1-yl]-2-nitro-phenyl]furan-2-carboxamide 'C27 H24 Cl N5 O7'
#
# COMPACT_ATOMS: atom_id res chain seq x y z
N ALA A 15 24.63 -19.47 2.74
CA ALA A 15 23.55 -18.47 2.46
C ALA A 15 22.29 -19.16 1.95
N THR A 16 22.44 -19.98 0.91
CA THR A 16 21.36 -20.81 0.39
C THR A 16 20.77 -21.73 1.48
N GLU A 17 21.65 -22.31 2.30
CA GLU A 17 21.23 -23.18 3.41
C GLU A 17 20.57 -22.40 4.56
N ILE A 18 21.06 -21.19 4.84
CA ILE A 18 20.42 -20.34 5.84
C ILE A 18 19.04 -19.92 5.34
N ARG A 19 18.96 -19.54 4.06
CA ARG A 19 17.71 -19.13 3.44
C ARG A 19 16.71 -20.28 3.42
N ALA A 20 17.22 -21.49 3.26
CA ALA A 20 16.44 -22.72 3.31
C ALA A 20 15.73 -22.93 4.66
N SER A 21 16.50 -22.94 5.74
CA SER A 21 15.94 -23.20 7.07
C SER A 21 15.09 -22.05 7.61
N VAL A 22 15.48 -20.81 7.30
CA VAL A 22 14.67 -19.65 7.67
C VAL A 22 13.31 -19.73 6.97
N GLY A 23 13.35 -19.96 5.66
CA GLY A 23 12.13 -20.10 4.87
C GLY A 23 11.26 -21.24 5.37
N LYS A 24 11.90 -22.23 5.97
CA LYS A 24 11.21 -23.39 6.53
C LYS A 24 10.43 -23.01 7.79
N MET A 25 11.03 -22.21 8.67
CA MET A 25 10.35 -21.81 9.90
C MET A 25 9.23 -20.79 9.64
N ILE A 26 9.45 -19.87 8.71
CA ILE A 26 8.43 -18.88 8.36
C ILE A 26 7.22 -19.57 7.72
N ASP A 27 7.50 -20.57 6.89
CA ASP A 27 6.46 -21.41 6.30
C ASP A 27 5.62 -22.07 7.40
N GLY A 28 6.30 -22.58 8.43
CA GLY A 28 5.66 -23.22 9.57
C GLY A 28 4.73 -22.28 10.32
N ILE A 29 5.24 -21.09 10.64
CA ILE A 29 4.45 -20.05 11.28
C ILE A 29 3.23 -19.73 10.41
N GLY A 30 3.44 -19.65 9.10
CA GLY A 30 2.37 -19.39 8.14
C GLY A 30 1.24 -20.40 8.18
N ARG A 31 1.58 -21.68 7.98
CA ARG A 31 0.63 -22.77 8.04
C ARG A 31 -0.15 -22.77 9.34
N PHE A 32 0.57 -22.62 10.46
CA PHE A 32 -0.02 -22.52 11.78
C PHE A 32 -1.09 -21.42 11.83
N TYR A 33 -0.73 -20.21 11.36
CA TYR A 33 -1.64 -19.07 11.44
C TYR A 33 -2.92 -19.29 10.62
N ILE A 34 -2.77 -19.82 9.41
CA ILE A 34 -3.91 -20.15 8.55
C ILE A 34 -4.82 -21.15 9.25
N GLN A 35 -4.21 -22.22 9.78
CA GLN A 35 -4.93 -23.25 10.51
C GLN A 35 -5.69 -22.61 11.67
N MET A 36 -4.99 -21.78 12.43
CA MET A 36 -5.57 -21.10 13.58
C MET A 36 -6.70 -20.16 13.17
N CYS A 37 -6.59 -19.59 11.97
CA CYS A 37 -7.62 -18.69 11.44
C CYS A 37 -8.88 -19.41 10.99
N THR A 38 -8.73 -20.66 10.56
CA THR A 38 -9.88 -21.49 10.18
C THR A 38 -10.64 -21.96 11.43
N GLU A 39 -9.89 -22.37 12.46
CA GLU A 39 -10.47 -22.84 13.73
C GLU A 39 -11.43 -21.81 14.32
N LEU A 40 -11.11 -20.54 14.16
CA LEU A 40 -11.91 -19.43 14.71
C LEU A 40 -12.91 -18.88 13.70
N LYS A 41 -12.87 -19.42 12.48
CA LYS A 41 -13.75 -19.00 11.40
C LYS A 41 -13.71 -17.48 11.18
N LEU A 42 -12.49 -16.93 11.17
CA LEU A 42 -12.26 -15.52 10.92
C LEU A 42 -12.21 -15.26 9.43
N SER A 43 -12.72 -14.11 9.00
CA SER A 43 -12.55 -13.68 7.63
C SER A 43 -11.07 -13.36 7.38
N ASP A 44 -10.69 -13.27 6.10
CA ASP A 44 -9.33 -12.90 5.74
C ASP A 44 -8.93 -11.54 6.29
N TYR A 45 -9.86 -10.58 6.25
CA TYR A 45 -9.61 -9.24 6.80
C TYR A 45 -9.36 -9.32 8.29
N GLU A 46 -10.22 -10.06 8.99
CA GLU A 46 -10.12 -10.23 10.44
C GLU A 46 -8.84 -10.95 10.85
N GLY A 47 -8.44 -11.93 10.05
CA GLY A 47 -7.18 -12.63 10.26
C GLY A 47 -5.99 -11.71 10.11
N ARG A 48 -6.15 -10.64 9.34
CA ARG A 48 -5.08 -9.68 9.08
C ARG A 48 -5.20 -8.42 9.95
N LEU A 49 -5.87 -8.57 11.08
CA LEU A 49 -5.90 -7.54 12.12
C LEU A 49 -4.81 -7.85 13.13
N ILE A 50 -3.92 -6.89 13.36
CA ILE A 50 -2.73 -7.06 14.21
C ILE A 50 -3.06 -7.51 15.64
N GLN A 51 -4.19 -7.06 16.18
CA GLN A 51 -4.62 -7.46 17.51
C GLN A 51 -5.04 -8.93 17.58
N ASN A 52 -5.62 -9.43 16.50
CA ASN A 52 -5.95 -10.85 16.40
C ASN A 52 -4.70 -11.71 16.21
N SER A 53 -3.73 -11.18 15.49
CA SER A 53 -2.48 -11.90 15.23
C SER A 53 -1.67 -12.07 16.51
N LEU A 54 -1.57 -10.99 17.30
CA LEU A 54 -0.86 -11.02 18.58
C LEU A 54 -1.48 -12.00 19.58
N THR A 55 -2.81 -12.06 19.61
CA THR A 55 -3.53 -12.97 20.50
C THR A 55 -3.25 -14.43 20.11
N ILE A 56 -3.22 -14.69 18.81
CA ILE A 56 -2.89 -16.01 18.31
C ILE A 56 -1.43 -16.35 18.60
N GLU A 57 -0.55 -15.38 18.36
CA GLU A 57 0.87 -15.51 18.69
C GLU A 57 1.09 -15.78 20.18
N ARG A 58 0.38 -15.03 21.02
CA ARG A 58 0.50 -15.17 22.48
C ARG A 58 0.04 -16.56 22.95
N MET A 59 -1.00 -17.08 22.31
CA MET A 59 -1.55 -18.39 22.66
C MET A 59 -0.55 -19.53 22.45
N VAL A 60 0.09 -19.56 21.29
CA VAL A 60 1.08 -20.60 20.97
C VAL A 60 2.37 -20.45 21.81
N LEU A 61 2.64 -19.23 22.27
CA LEU A 61 3.79 -18.98 23.11
C LEU A 61 3.52 -19.39 24.55
N SER A 62 2.34 -19.01 25.05
CA SER A 62 1.89 -19.38 26.39
C SER A 62 1.69 -20.89 26.51
N ALA A 63 1.14 -21.52 25.46
CA ALA A 63 0.91 -22.97 25.43
C ALA A 63 2.20 -23.77 25.57
N PHE A 64 3.33 -23.15 25.22
CA PHE A 64 4.64 -23.69 25.50
C PHE A 64 5.22 -22.88 26.65
N LYS A 84 -5.26 -24.83 29.74
CA LYS A 84 -6.05 -23.81 29.04
C LYS A 84 -5.27 -22.51 28.82
N THR A 85 -5.56 -21.85 27.68
CA THR A 85 -4.99 -20.55 27.34
C THR A 85 -5.93 -19.77 26.41
N GLY A 86 -5.76 -18.46 26.31
CA GLY A 86 -6.63 -17.65 25.49
C GLY A 86 -6.27 -16.18 25.42
N GLY A 87 -7.23 -15.37 25.00
CA GLY A 87 -7.03 -13.94 24.83
C GLY A 87 -8.17 -13.32 24.04
N PRO A 88 -8.16 -11.98 23.90
CA PRO A 88 -9.23 -11.30 23.17
C PRO A 88 -9.13 -11.49 21.65
N ILE A 89 -10.26 -11.84 21.04
CA ILE A 89 -10.35 -11.96 19.58
C ILE A 89 -11.46 -11.06 19.07
N TYR A 90 -11.15 -10.28 18.04
CA TYR A 90 -12.03 -9.23 17.56
C TYR A 90 -12.64 -9.56 16.20
N ARG A 91 -13.95 -9.37 16.09
CA ARG A 91 -14.70 -9.68 14.87
C ARG A 91 -15.53 -8.49 14.42
N ARG A 92 -15.71 -8.37 13.11
CA ARG A 92 -16.60 -7.36 12.53
C ARG A 92 -18.03 -7.90 12.53
N VAL A 93 -18.79 -7.58 13.58
CA VAL A 93 -20.15 -8.07 13.73
C VAL A 93 -21.18 -6.94 13.64
N ASP A 94 -22.02 -7.01 12.60
CA ASP A 94 -23.19 -6.13 12.44
C ASP A 94 -22.85 -4.63 12.32
N GLY A 95 -21.68 -4.33 11.76
CA GLY A 95 -21.26 -2.94 11.56
C GLY A 95 -20.42 -2.35 12.67
N LYS A 96 -20.20 -3.13 13.73
CA LYS A 96 -19.38 -2.70 14.86
C LYS A 96 -18.36 -3.76 15.22
N TRP A 97 -17.24 -3.33 15.79
CA TRP A 97 -16.18 -4.24 16.23
C TRP A 97 -16.51 -4.84 17.59
N ARG A 98 -16.51 -6.17 17.66
CA ARG A 98 -16.84 -6.89 18.89
C ARG A 98 -15.66 -7.70 19.41
N ARG A 99 -15.59 -7.83 20.73
CA ARG A 99 -14.51 -8.56 21.39
C ARG A 99 -15.04 -9.83 22.04
N GLU A 100 -14.35 -10.95 21.79
CA GLU A 100 -14.64 -12.22 22.44
C GLU A 100 -13.38 -12.75 23.11
N LEU A 101 -13.52 -13.30 24.31
CA LEU A 101 -12.39 -13.86 25.03
C LEU A 101 -12.46 -15.38 24.99
N ILE A 102 -11.87 -15.96 23.95
CA ILE A 102 -11.91 -17.41 23.74
C ILE A 102 -10.85 -18.16 24.56
N LEU A 103 -11.00 -19.48 24.63
CA LEU A 103 -10.06 -20.34 25.34
C LEU A 103 -9.79 -21.63 24.56
N TYR A 104 -8.55 -22.11 24.63
CA TYR A 104 -8.13 -23.36 24.01
C TYR A 104 -7.32 -24.19 25.00
N ASP A 105 -7.43 -25.51 24.91
CA ASP A 105 -6.59 -26.41 25.71
C ASP A 105 -5.15 -26.28 25.22
N LYS A 106 -4.21 -26.12 26.15
CA LYS A 106 -2.80 -25.94 25.81
C LYS A 106 -2.22 -27.11 25.01
N GLU A 107 -2.73 -28.31 25.27
CA GLU A 107 -2.33 -29.49 24.53
C GLU A 107 -2.73 -29.39 23.06
N GLU A 108 -3.89 -28.79 22.81
CA GLU A 108 -4.42 -28.65 21.46
C GLU A 108 -3.62 -27.69 20.60
N ILE A 109 -3.24 -26.54 21.17
CA ILE A 109 -2.42 -25.56 20.48
C ILE A 109 -1.07 -26.17 20.10
N ARG A 110 -0.43 -26.81 21.08
CA ARG A 110 0.86 -27.46 20.89
C ARG A 110 0.83 -28.47 19.73
N ARG A 111 -0.26 -29.23 19.65
CA ARG A 111 -0.47 -30.18 18.56
C ARG A 111 -0.58 -29.45 17.22
N ILE A 112 -1.33 -28.36 17.21
CA ILE A 112 -1.53 -27.56 15.99
C ILE A 112 -0.22 -26.95 15.49
N TRP A 113 0.59 -26.46 16.42
CA TRP A 113 1.91 -25.87 16.08
C TRP A 113 2.88 -26.92 15.54
N ARG A 114 2.93 -28.08 16.20
CA ARG A 114 3.80 -29.17 15.77
C ARG A 114 3.47 -29.65 14.35
N GLN A 115 2.18 -29.85 14.08
CA GLN A 115 1.73 -30.41 12.82
C GLN A 115 1.79 -29.44 11.66
N ALA A 116 1.79 -28.14 11.95
CA ALA A 116 2.02 -27.11 10.94
C ALA A 116 3.50 -27.04 10.58
N ASN A 117 4.34 -27.47 11.53
CA ASN A 117 5.78 -27.52 11.33
C ASN A 117 6.27 -28.93 11.02
N ASN A 118 5.51 -29.63 10.19
CA ASN A 118 5.86 -30.97 9.70
C ASN A 118 6.47 -31.87 10.77
N GLY A 119 5.66 -32.18 11.79
CA GLY A 119 6.06 -33.07 12.87
C GLY A 119 6.99 -32.44 13.91
N ASP A 120 8.08 -31.85 13.42
CA ASP A 120 9.11 -31.24 14.26
C ASP A 120 8.56 -30.33 15.36
N ASP A 121 9.24 -30.32 16.51
CA ASP A 121 8.88 -29.48 17.64
C ASP A 121 9.03 -27.99 17.32
N ALA A 122 10.00 -27.68 16.45
CA ALA A 122 10.26 -26.33 15.93
C ALA A 122 10.17 -25.20 16.96
N THR A 123 11.25 -25.00 17.70
CA THR A 123 11.30 -23.92 18.69
C THR A 123 11.80 -22.61 18.05
N ALA A 124 12.35 -22.72 16.85
CA ALA A 124 12.89 -21.56 16.14
C ALA A 124 11.78 -20.57 15.78
N GLY A 125 10.71 -21.09 15.19
CA GLY A 125 9.56 -20.28 14.80
C GLY A 125 8.87 -19.65 16.00
N LEU A 126 8.98 -20.31 17.14
CA LEU A 126 8.46 -19.79 18.39
C LEU A 126 9.24 -18.58 18.85
N THR A 127 10.57 -18.68 18.86
CA THR A 127 11.42 -17.57 19.31
C THR A 127 11.40 -16.42 18.29
N HIS A 128 11.11 -16.74 17.04
CA HIS A 128 10.95 -15.72 16.01
C HIS A 128 9.74 -14.82 16.32
N MET A 129 8.67 -15.43 16.82
CA MET A 129 7.48 -14.68 17.23
C MET A 129 7.69 -13.96 18.55
N MET A 130 8.61 -14.47 19.36
CA MET A 130 9.01 -13.81 20.60
C MET A 130 9.82 -12.55 20.32
N ILE A 131 10.74 -12.63 19.36
CA ILE A 131 11.59 -11.51 18.97
C ILE A 131 10.73 -10.41 18.32
N TRP A 132 9.74 -10.82 17.54
CA TRP A 132 8.74 -9.90 17.00
C TRP A 132 8.06 -9.15 18.15
N HIS A 133 7.65 -9.87 19.18
CA HIS A 133 7.02 -9.26 20.35
C HIS A 133 7.97 -8.33 21.09
N SER A 134 9.22 -8.76 21.21
CA SER A 134 10.27 -7.97 21.84
C SER A 134 10.49 -6.65 21.11
N ASN A 135 10.57 -6.73 19.78
CA ASN A 135 10.73 -5.56 18.92
C ASN A 135 9.59 -4.54 19.06
N LEU A 136 8.37 -5.05 19.20
CA LEU A 136 7.20 -4.19 19.44
C LEU A 136 7.24 -3.56 20.82
N ASN A 137 7.60 -4.36 21.84
CA ASN A 137 7.80 -3.83 23.18
C ASN A 137 8.84 -2.73 23.18
N ASP A 138 9.99 -3.00 22.56
CA ASP A 138 11.08 -2.04 22.41
C ASP A 138 10.60 -0.71 21.83
N ALA A 139 9.73 -0.80 20.83
CA ALA A 139 9.21 0.38 20.14
C ALA A 139 8.13 1.11 20.95
N THR A 140 7.35 0.36 21.72
CA THR A 140 6.22 0.92 22.44
C THR A 140 6.60 1.47 23.83
N TYR A 141 7.23 0.62 24.64
CA TYR A 141 7.44 0.93 26.05
C TYR A 141 8.89 1.27 26.39
N GLN A 142 9.06 2.31 27.20
CA GLN A 142 10.32 2.56 27.89
C GLN A 142 10.30 1.74 29.17
N ARG A 143 11.43 1.12 29.51
CA ARG A 143 11.51 0.32 30.72
C ARG A 143 12.47 0.92 31.75
N THR A 144 12.21 2.19 32.08
CA THR A 144 13.01 2.94 33.04
C THR A 144 12.87 2.39 34.45
N ARG A 145 11.65 1.95 34.79
CA ARG A 145 11.38 1.31 36.08
C ARG A 145 12.18 0.01 36.24
N ALA A 146 12.30 -0.74 35.15
CA ALA A 146 13.12 -1.95 35.13
C ALA A 146 14.60 -1.61 35.28
N LEU A 147 15.01 -0.51 34.64
CA LEU A 147 16.39 -0.05 34.68
C LEU A 147 16.82 0.45 36.06
N VAL A 148 15.96 1.24 36.72
CA VAL A 148 16.29 1.80 38.04
C VAL A 148 16.36 0.77 39.15
N ARG A 149 15.49 -0.24 39.11
CA ARG A 149 15.54 -1.34 40.08
C ARG A 149 16.88 -2.08 40.00
N THR A 150 17.39 -2.24 38.77
CA THR A 150 18.65 -2.93 38.52
C THR A 150 19.87 -2.02 38.69
N GLY A 151 19.62 -0.77 39.08
CA GLY A 151 20.69 0.20 39.33
C GLY A 151 21.33 0.76 38.06
N MET A 152 20.59 0.71 36.96
CA MET A 152 21.08 1.20 35.68
C MET A 152 20.51 2.57 35.34
N ASP A 153 21.23 3.34 34.54
CA ASP A 153 20.79 4.64 34.05
C ASP A 153 19.64 4.44 33.06
N PRO A 154 18.49 5.11 33.30
CA PRO A 154 17.33 5.02 32.41
C PRO A 154 17.56 5.59 31.00
N ARG A 155 18.74 6.15 30.76
CA ARG A 155 19.08 6.70 29.45
C ARG A 155 19.77 5.66 28.57
N MET A 156 19.69 4.40 28.98
CA MET A 156 20.36 3.30 28.28
C MET A 156 19.44 2.56 27.28
N CYS A 157 18.34 3.20 26.89
CA CYS A 157 17.40 2.67 25.91
C CYS A 157 18.07 1.84 24.83
N SER A 158 18.95 2.50 24.08
CA SER A 158 19.59 1.93 22.90
C SER A 158 20.26 0.59 23.19
N LEU A 159 20.64 0.40 24.44
CA LEU A 159 21.31 -0.82 24.87
C LEU A 159 20.33 -1.93 25.24
N MET A 160 19.04 -1.61 25.24
CA MET A 160 18.05 -2.48 25.87
C MET A 160 17.22 -3.34 24.93
N GLN A 161 17.66 -3.49 23.67
CA GLN A 161 16.97 -4.38 22.74
C GLN A 161 16.82 -5.77 23.37
N GLY A 162 15.59 -6.28 23.36
CA GLY A 162 15.30 -7.63 23.85
C GLY A 162 15.18 -7.77 25.36
N SER A 163 14.92 -6.66 26.05
CA SER A 163 14.86 -6.66 27.51
C SER A 163 13.63 -7.39 28.05
N THR A 164 12.52 -7.32 27.31
CA THR A 164 11.28 -8.01 27.69
C THR A 164 11.34 -9.47 27.30
N LEU A 165 12.36 -9.84 26.54
CA LEU A 165 12.59 -11.21 26.11
C LEU A 165 13.10 -12.03 27.31
N PRO A 166 12.58 -13.25 27.48
CA PRO A 166 12.98 -14.05 28.64
C PRO A 166 14.48 -14.35 28.65
N ARG A 167 15.04 -14.49 29.87
CA ARG A 167 16.40 -14.99 30.04
C ARG A 167 16.44 -16.41 29.48
N ARG A 168 17.61 -16.86 29.06
CA ARG A 168 17.76 -18.17 28.43
C ARG A 168 16.70 -18.32 27.33
N SER A 169 16.76 -17.42 26.35
CA SER A 169 15.86 -17.41 25.21
C SER A 169 16.39 -18.40 24.18
N GLY A 170 16.10 -18.15 22.91
CA GLY A 170 16.71 -18.92 21.83
C GLY A 170 18.10 -18.38 21.50
N ALA A 171 18.80 -19.08 20.60
CA ALA A 171 20.08 -18.61 20.07
C ALA A 171 19.89 -17.30 19.30
N ALA A 172 18.82 -17.24 18.52
CA ALA A 172 18.41 -16.02 17.81
C ALA A 172 18.06 -14.92 18.81
N GLY A 173 17.36 -15.31 19.88
CA GLY A 173 17.03 -14.40 20.98
C GLY A 173 18.26 -13.86 21.66
N ALA A 174 19.27 -14.73 21.85
CA ALA A 174 20.55 -14.35 22.42
C ALA A 174 21.27 -13.33 21.53
N ALA A 175 21.26 -13.58 20.22
CA ALA A 175 21.90 -12.70 19.25
C ALA A 175 21.25 -11.32 19.19
N VAL A 176 19.92 -11.30 19.27
CA VAL A 176 19.12 -10.08 19.14
C VAL A 176 19.20 -9.14 20.36
N LYS A 177 19.60 -9.69 21.51
CA LYS A 177 19.65 -8.92 22.76
C LYS A 177 20.78 -7.89 22.77
N GLY A 178 20.47 -6.69 23.22
CA GLY A 178 21.45 -5.61 23.31
C GLY A 178 22.37 -5.77 24.51
N VAL A 179 23.43 -4.97 24.53
CA VAL A 179 24.42 -5.00 25.61
C VAL A 179 23.79 -4.75 26.99
N GLY A 180 22.96 -3.72 27.10
CA GLY A 180 22.29 -3.38 28.36
C GLY A 180 21.38 -4.47 28.88
N THR A 181 20.65 -5.12 27.96
CA THR A 181 19.80 -6.26 28.30
C THR A 181 20.63 -7.34 28.99
N MET A 182 21.78 -7.64 28.41
CA MET A 182 22.74 -8.60 28.96
C MET A 182 23.32 -8.16 30.31
N VAL A 183 23.59 -6.87 30.45
CA VAL A 183 24.04 -6.31 31.74
C VAL A 183 22.95 -6.41 32.81
N MET A 184 21.73 -6.04 32.46
CA MET A 184 20.56 -6.12 33.34
C MET A 184 20.30 -7.54 33.82
N GLU A 185 20.37 -8.50 32.90
CA GLU A 185 20.17 -9.92 33.21
C GLU A 185 21.23 -10.45 34.17
N LEU A 186 22.45 -9.96 34.02
CA LEU A 186 23.57 -10.37 34.87
C LEU A 186 23.48 -9.81 36.29
N ILE A 187 23.01 -8.58 36.44
CA ILE A 187 22.83 -7.98 37.76
C ILE A 187 21.72 -8.68 38.54
N ARG A 188 20.68 -9.11 37.82
CA ARG A 188 19.60 -9.90 38.41
C ARG A 188 20.10 -11.26 38.91
N MET A 189 21.09 -11.82 38.21
CA MET A 189 21.79 -13.01 38.66
C MET A 189 22.57 -12.71 39.94
N ILE A 190 23.29 -11.60 39.94
CA ILE A 190 24.08 -11.18 41.10
C ILE A 190 23.21 -10.94 42.34
N LYS A 191 21.99 -10.44 42.13
CA LYS A 191 21.04 -10.24 43.22
C LYS A 191 20.24 -11.52 43.51
N GLY A 205 22.35 -26.16 43.43
CA GLY A 205 22.17 -24.97 42.60
C GLY A 205 23.47 -24.41 42.04
N ARG A 206 24.29 -25.28 41.47
CA ARG A 206 25.53 -24.88 40.79
C ARG A 206 25.32 -24.76 39.28
N ARG A 207 24.07 -24.93 38.84
CA ARG A 207 23.66 -24.61 37.47
C ARG A 207 23.42 -23.11 37.35
N THR A 208 23.45 -22.42 38.50
CA THR A 208 23.45 -20.97 38.56
C THR A 208 24.78 -20.44 38.00
N ARG A 209 25.85 -21.18 38.29
CA ARG A 209 27.19 -20.84 37.83
C ARG A 209 27.34 -20.92 36.31
N ILE A 210 26.87 -22.01 35.71
CA ILE A 210 26.97 -22.18 34.25
C ILE A 210 26.11 -21.16 33.51
N ALA A 211 24.94 -20.85 34.05
CA ALA A 211 24.04 -19.85 33.48
C ALA A 211 24.63 -18.45 33.60
N TYR A 212 25.43 -18.22 34.64
CA TYR A 212 26.15 -16.97 34.83
C TYR A 212 27.29 -16.83 33.82
N GLU A 213 28.00 -17.94 33.58
CA GLU A 213 29.15 -17.94 32.67
C GLU A 213 28.73 -17.94 31.20
N ARG A 214 27.63 -18.61 30.90
CA ARG A 214 27.05 -18.59 29.55
C ARG A 214 26.68 -17.15 29.16
N MET A 215 26.01 -16.46 30.07
CA MET A 215 25.58 -15.08 29.87
C MET A 215 26.73 -14.09 29.78
N CYS A 216 27.80 -14.33 30.54
CA CYS A 216 29.01 -13.53 30.45
C CYS A 216 29.62 -13.65 29.06
N ASN A 217 29.67 -14.87 28.54
CA ASN A 217 30.19 -15.14 27.21
C ASN A 217 29.34 -14.55 26.08
N ILE A 218 28.02 -14.53 26.26
CA ILE A 218 27.12 -13.90 25.29
C ILE A 218 27.51 -12.43 25.16
N LEU A 219 27.58 -11.76 26.31
CA LEU A 219 27.94 -10.34 26.38
C LEU A 219 29.34 -10.07 25.81
N LYS A 220 30.28 -10.95 26.13
CA LYS A 220 31.66 -10.84 25.64
C LYS A 220 31.72 -10.84 24.12
N GLY A 221 30.99 -11.77 23.49
CA GLY A 221 30.97 -11.91 22.04
C GLY A 221 30.35 -10.71 21.34
N LYS A 222 29.70 -9.85 22.12
CA LYS A 222 29.05 -8.67 21.60
C LYS A 222 29.95 -7.44 21.59
N PHE A 223 30.93 -7.41 22.49
CA PHE A 223 31.89 -6.31 22.54
C PHE A 223 32.91 -6.44 21.42
N GLN A 224 33.22 -5.32 20.78
CA GLN A 224 34.09 -5.31 19.61
C GLN A 224 35.52 -4.89 19.94
N THR A 225 35.73 -4.36 21.14
CA THR A 225 37.08 -4.04 21.61
C THR A 225 37.55 -5.11 22.60
N ALA A 226 38.84 -5.42 22.56
CA ALA A 226 39.42 -6.45 23.41
C ALA A 226 39.36 -6.06 24.89
N ALA A 227 39.59 -4.78 25.16
CA ALA A 227 39.54 -4.24 26.52
C ALA A 227 38.20 -4.45 27.22
N GLN A 228 37.10 -4.24 26.49
CA GLN A 228 35.76 -4.50 27.01
C GLN A 228 35.58 -5.99 27.28
N ARG A 229 36.05 -6.81 26.34
CA ARG A 229 36.01 -8.26 26.45
C ARG A 229 36.80 -8.75 27.68
N THR A 230 37.96 -8.14 27.90
CA THR A 230 38.84 -8.48 29.02
C THR A 230 38.20 -8.17 30.38
N MET A 231 37.36 -7.14 30.42
CA MET A 231 36.64 -6.81 31.64
C MET A 231 35.58 -7.87 31.93
N VAL A 232 34.92 -8.34 30.88
CA VAL A 232 33.91 -9.41 31.01
C VAL A 232 34.55 -10.70 31.56
N ASP A 233 35.77 -11.00 31.14
CA ASP A 233 36.53 -12.11 31.70
C ASP A 233 36.67 -11.95 33.22
N GLN A 234 37.01 -10.73 33.65
CA GLN A 234 37.17 -10.42 35.07
C GLN A 234 35.86 -10.47 35.85
N VAL A 235 34.74 -10.22 35.16
CA VAL A 235 33.41 -10.36 35.74
C VAL A 235 33.07 -11.85 35.86
N ARG A 236 33.40 -12.61 34.82
CA ARG A 236 33.12 -14.05 34.76
C ARG A 236 34.02 -14.87 35.70
N GLU A 237 35.31 -14.54 35.71
CA GLU A 237 36.31 -15.28 36.50
C GLU A 237 36.10 -15.14 38.01
N SER A 238 35.15 -14.30 38.39
CA SER A 238 34.84 -14.05 39.80
C SER A 238 34.12 -15.22 40.45
N ARG A 239 34.64 -15.67 41.59
CA ARG A 239 33.94 -16.60 42.45
C ARG A 239 33.08 -15.77 43.40
N ASN A 240 31.81 -16.16 43.53
CA ASN A 240 30.82 -15.39 44.30
C ASN A 240 30.75 -13.91 43.87
N PRO A 241 30.17 -13.64 42.68
CA PRO A 241 30.08 -12.27 42.14
C PRO A 241 29.23 -11.34 43.01
N GLY A 242 29.60 -10.07 43.06
CA GLY A 242 28.92 -9.10 43.91
C GLY A 242 29.00 -7.67 43.43
N ASN A 243 29.41 -6.78 44.31
CA ASN A 243 29.44 -5.34 44.02
C ASN A 243 30.47 -4.89 42.99
N ALA A 244 31.69 -5.45 43.09
CA ALA A 244 32.75 -5.16 42.13
C ALA A 244 32.31 -5.52 40.71
N GLU A 245 31.65 -6.66 40.58
CA GLU A 245 31.13 -7.12 39.29
C GLU A 245 29.96 -6.25 38.84
N PHE A 246 29.06 -5.94 39.76
CA PHE A 246 27.95 -5.02 39.50
C PHE A 246 28.47 -3.70 38.96
N GLU A 247 29.45 -3.13 39.65
CA GLU A 247 30.05 -1.87 39.24
C GLU A 247 30.73 -1.96 37.87
N ASP A 248 31.37 -3.10 37.61
CA ASP A 248 32.02 -3.34 36.33
C ASP A 248 31.02 -3.42 35.18
N LEU A 249 29.87 -4.03 35.45
CA LEU A 249 28.82 -4.19 34.45
C LEU A 249 28.12 -2.88 34.11
N ILE A 250 27.92 -2.02 35.10
CA ILE A 250 27.41 -0.65 34.87
C ILE A 250 28.39 0.16 34.01
N PHE A 251 29.68 -0.05 34.24
CA PHE A 251 30.74 0.63 33.47
C PHE A 251 30.74 0.18 32.02
N LEU A 252 30.62 -1.13 31.81
CA LEU A 252 30.62 -1.73 30.47
C LEU A 252 29.42 -1.27 29.63
N ALA A 253 28.26 -1.14 30.28
CA ALA A 253 27.06 -0.63 29.63
C ALA A 253 27.25 0.80 29.14
N ARG A 254 27.89 1.64 29.96
CA ARG A 254 28.16 3.04 29.57
C ARG A 254 29.08 3.12 28.37
N SER A 255 30.14 2.30 28.38
CA SER A 255 31.09 2.23 27.27
C SER A 255 30.38 1.83 25.97
N ALA A 256 29.34 1.01 26.10
CA ALA A 256 28.58 0.51 24.97
C ALA A 256 27.64 1.57 24.35
N LEU A 257 27.62 2.76 24.93
CA LEU A 257 26.89 3.89 24.35
C LEU A 257 27.77 4.62 23.35
N ILE A 258 29.07 4.42 23.44
CA ILE A 258 30.02 5.05 22.52
C ILE A 258 30.78 3.97 21.73
N LEU A 259 31.46 3.07 22.44
CA LEU A 259 32.04 1.88 21.82
C LEU A 259 30.97 0.79 21.78
N ARG A 260 30.02 0.92 20.85
CA ARG A 260 28.81 0.11 20.80
C ARG A 260 29.06 -1.36 20.49
N GLY A 261 28.34 -2.23 21.17
CA GLY A 261 28.47 -3.67 20.97
C GLY A 261 27.78 -4.18 19.72
N SER A 262 28.17 -5.38 19.28
CA SER A 262 27.56 -6.02 18.11
C SER A 262 26.26 -6.72 18.48
N VAL A 263 25.15 -6.13 18.05
CA VAL A 263 23.83 -6.62 18.37
C VAL A 263 23.11 -6.95 17.06
N ALA A 264 22.51 -8.13 17.01
CA ALA A 264 21.78 -8.56 15.82
C ALA A 264 20.46 -7.80 15.69
N HIS A 265 20.02 -7.62 14.45
CA HIS A 265 18.74 -7.00 14.16
C HIS A 265 18.03 -7.84 13.12
N LYS A 266 16.86 -8.32 13.49
CA LYS A 266 16.10 -9.20 12.61
C LYS A 266 14.69 -8.65 12.39
N SER A 267 14.37 -8.35 11.14
CA SER A 267 13.01 -7.96 10.78
C SER A 267 12.08 -9.14 10.97
N CYS A 268 11.19 -9.01 11.95
CA CYS A 268 10.27 -10.08 12.31
C CYS A 268 8.86 -9.52 12.26
N LEU A 269 7.99 -10.19 11.51
CA LEU A 269 6.66 -9.68 11.22
C LEU A 269 5.56 -10.45 11.95
N PRO A 270 4.43 -9.79 12.25
CA PRO A 270 3.28 -10.49 12.82
C PRO A 270 2.93 -11.73 12.02
N ALA A 271 2.54 -12.79 12.73
CA ALA A 271 2.23 -14.08 12.10
C ALA A 271 1.24 -13.98 10.95
N CYS A 272 0.31 -13.01 11.04
CA CYS A 272 -0.66 -12.80 9.98
C CYS A 272 -0.03 -12.48 8.62
N VAL A 273 1.16 -11.88 8.64
CA VAL A 273 1.86 -11.52 7.40
C VAL A 273 2.40 -12.76 6.68
N TYR A 274 2.96 -13.68 7.46
CA TYR A 274 3.49 -14.94 6.92
C TYR A 274 2.38 -15.86 6.42
N GLY A 275 1.35 -16.04 7.26
CA GLY A 275 0.20 -16.87 6.90
C GLY A 275 -0.49 -16.34 5.66
N SER A 276 -0.71 -15.03 5.61
CA SER A 276 -1.31 -14.36 4.46
C SER A 276 -0.54 -14.69 3.17
N ALA A 277 0.79 -14.66 3.26
CA ALA A 277 1.66 -14.95 2.13
C ALA A 277 1.59 -16.42 1.73
N VAL A 278 1.62 -17.30 2.72
CA VAL A 278 1.49 -18.74 2.46
C VAL A 278 0.16 -19.02 1.76
N ALA A 279 -0.92 -18.47 2.29
CA ALA A 279 -2.27 -18.66 1.73
C ALA A 279 -2.36 -18.20 0.28
N SER A 280 -1.76 -17.06 -0.01
CA SER A 280 -1.88 -16.43 -1.32
C SER A 280 -1.03 -17.11 -2.39
N GLY A 281 -0.21 -18.07 -1.99
CA GLY A 281 0.55 -18.89 -2.93
C GLY A 281 2.03 -18.57 -2.99
N TYR A 282 2.60 -18.23 -1.84
CA TYR A 282 4.05 -17.99 -1.74
C TYR A 282 4.68 -19.11 -0.91
N ASP A 283 5.67 -19.76 -1.50
CA ASP A 283 6.34 -20.90 -0.87
C ASP A 283 7.70 -20.48 -0.32
N PHE A 284 7.75 -20.19 0.98
CA PHE A 284 8.99 -19.72 1.63
C PHE A 284 10.12 -20.75 1.60
N GLU A 285 9.76 -22.02 1.53
CA GLU A 285 10.74 -23.11 1.44
C GLU A 285 11.40 -23.18 0.07
N ARG A 286 10.62 -22.93 -0.98
CA ARG A 286 11.12 -22.95 -2.35
C ARG A 286 11.82 -21.64 -2.70
N GLU A 287 11.32 -20.53 -2.15
CA GLU A 287 11.89 -19.22 -2.41
C GLU A 287 13.06 -18.91 -1.50
N GLY A 288 13.13 -19.62 -0.38
CA GLY A 288 14.04 -19.24 0.70
C GLY A 288 13.48 -17.98 1.35
N TYR A 289 14.16 -17.51 2.39
CA TYR A 289 13.77 -16.28 3.07
C TYR A 289 14.91 -15.75 3.94
N SER A 290 14.96 -14.43 4.10
CA SER A 290 15.99 -13.79 4.89
C SER A 290 15.38 -12.84 5.89
N LEU A 291 16.03 -12.68 7.04
CA LEU A 291 15.56 -11.77 8.09
C LEU A 291 16.34 -10.45 8.05
N VAL A 292 17.39 -10.40 7.25
CA VAL A 292 18.29 -9.24 7.21
C VAL A 292 18.44 -8.65 5.81
N GLY A 293 18.11 -9.44 4.78
CA GLY A 293 18.15 -8.98 3.40
C GLY A 293 16.90 -8.23 2.98
N ILE A 294 16.59 -8.30 1.69
CA ILE A 294 15.47 -7.57 1.10
C ILE A 294 14.10 -8.19 1.44
N ASP A 295 14.09 -9.50 1.68
CA ASP A 295 12.86 -10.30 1.82
C ASP A 295 11.73 -9.65 2.64
N PRO A 296 11.98 -9.33 3.93
CA PRO A 296 10.90 -8.76 4.76
C PRO A 296 10.32 -7.43 4.25
N PHE A 297 11.16 -6.59 3.65
CA PHE A 297 10.68 -5.35 3.02
C PHE A 297 9.75 -5.66 1.86
N ARG A 298 10.17 -6.63 1.03
CA ARG A 298 9.43 -7.07 -0.13
C ARG A 298 8.12 -7.73 0.27
N LEU A 299 8.15 -8.47 1.38
CA LEU A 299 6.95 -9.12 1.89
C LEU A 299 5.93 -8.08 2.34
N LEU A 300 6.36 -7.11 3.14
CA LEU A 300 5.49 -6.03 3.60
C LEU A 300 4.93 -5.21 2.44
N GLN A 301 5.71 -5.09 1.38
CA GLN A 301 5.27 -4.40 0.16
C GLN A 301 4.11 -5.14 -0.51
N ASN A 302 4.01 -6.43 -0.25
CA ASN A 302 2.93 -7.25 -0.81
C ASN A 302 1.94 -7.70 0.25
N SER A 303 1.93 -6.98 1.38
CA SER A 303 1.10 -7.32 2.52
C SER A 303 0.22 -6.15 2.96
N GLN A 304 -0.91 -6.47 3.58
CA GLN A 304 -1.81 -5.47 4.14
C GLN A 304 -2.27 -5.91 5.52
N VAL A 305 -1.81 -5.19 6.54
CA VAL A 305 -2.14 -5.48 7.92
C VAL A 305 -3.02 -4.35 8.46
N TYR A 306 -3.93 -4.71 9.36
CA TYR A 306 -4.84 -3.75 9.97
C TYR A 306 -4.62 -3.61 11.46
N SER A 307 -5.09 -2.51 12.03
CA SER A 307 -5.03 -2.29 13.46
C SER A 307 -6.30 -1.63 13.96
N LEU A 308 -6.71 -2.01 15.18
CA LEU A 308 -7.80 -1.31 15.86
C LEU A 308 -7.26 0.02 16.36
N ILE A 309 -8.03 1.08 16.13
CA ILE A 309 -7.58 2.45 16.42
C ILE A 309 -8.54 3.21 17.34
N ARG A 310 -7.99 3.74 18.43
CA ARG A 310 -8.75 4.52 19.41
C ARG A 310 -9.13 5.91 18.84
N PRO A 311 -10.17 6.55 19.42
CA PRO A 311 -10.69 7.83 18.90
C PRO A 311 -9.65 8.96 18.81
N ASN A 312 -8.74 9.01 19.78
CA ASN A 312 -7.75 10.08 19.82
C ASN A 312 -6.53 9.85 18.93
N GLU A 313 -6.46 8.67 18.31
CA GLU A 313 -5.23 8.20 17.69
C GLU A 313 -5.08 8.52 16.20
N ASN A 314 -3.86 8.89 15.82
CA ASN A 314 -3.50 9.07 14.42
C ASN A 314 -3.00 7.75 13.81
N PRO A 315 -3.73 7.23 12.80
CA PRO A 315 -3.41 5.93 12.21
C PRO A 315 -2.01 5.84 11.60
N ALA A 316 -1.48 6.98 11.14
CA ALA A 316 -0.12 7.06 10.60
C ALA A 316 0.91 6.87 11.70
N HIS A 317 0.60 7.37 12.90
CA HIS A 317 1.49 7.22 14.06
C HIS A 317 1.51 5.79 14.59
N LYS A 318 0.35 5.13 14.56
CA LYS A 318 0.27 3.68 14.79
C LYS A 318 1.10 2.94 13.73
N SER A 319 0.97 3.38 12.47
CA SER A 319 1.71 2.79 11.36
C SER A 319 3.22 2.86 11.59
N GLN A 320 3.71 4.02 12.03
CA GLN A 320 5.14 4.18 12.28
C GLN A 320 5.60 3.21 13.37
N LEU A 321 4.85 3.16 14.48
CA LEU A 321 5.20 2.30 15.59
C LEU A 321 5.40 0.85 15.16
N VAL A 322 4.43 0.28 14.45
CA VAL A 322 4.51 -1.12 14.00
C VAL A 322 5.57 -1.31 12.90
N TRP A 323 5.80 -0.27 12.10
CA TRP A 323 6.89 -0.29 11.11
C TRP A 323 8.22 -0.41 11.81
N MET A 324 8.46 0.48 12.77
CA MET A 324 9.67 0.46 13.59
C MET A 324 9.91 -0.93 14.20
N ALA A 325 8.87 -1.48 14.82
CA ALA A 325 8.93 -2.81 15.43
C ALA A 325 9.29 -3.88 14.42
N CYS A 326 8.62 -3.85 13.27
CA CYS A 326 8.84 -4.81 12.19
C CYS A 326 10.31 -4.92 11.77
N HIS A 327 10.99 -3.78 11.68
CA HIS A 327 12.38 -3.76 11.22
C HIS A 327 13.37 -3.51 12.36
N SER A 328 12.96 -3.83 13.59
CA SER A 328 13.80 -3.71 14.79
C SER A 328 14.51 -2.35 14.91
N ALA A 329 13.75 -1.28 14.71
CA ALA A 329 14.34 0.05 14.54
C ALA A 329 14.07 1.03 15.68
N ALA A 330 13.58 0.53 16.81
CA ALA A 330 13.28 1.36 17.98
C ALA A 330 14.44 2.27 18.37
N PHE A 331 15.66 1.72 18.35
CA PHE A 331 16.84 2.45 18.79
C PHE A 331 17.75 2.94 17.64
N GLU A 332 17.26 2.85 16.41
CA GLU A 332 17.91 3.46 15.25
C GLU A 332 17.87 4.97 15.31
N ASP A 333 18.82 5.59 14.61
CA ASP A 333 18.79 7.01 14.30
C ASP A 333 17.54 7.31 13.47
N LEU A 334 16.70 8.21 13.97
CA LEU A 334 15.46 8.58 13.28
C LEU A 334 15.72 9.10 11.87
N ARG A 335 16.88 9.73 11.68
CA ARG A 335 17.30 10.21 10.37
C ARG A 335 17.33 9.08 9.33
N VAL A 336 17.98 7.97 9.65
CA VAL A 336 18.07 6.85 8.69
C VAL A 336 16.71 6.14 8.52
N SER A 337 16.00 5.95 9.63
CA SER A 337 14.66 5.38 9.60
C SER A 337 13.76 6.15 8.63
N SER A 338 13.85 7.48 8.69
CA SER A 338 13.07 8.36 7.82
C SER A 338 13.45 8.17 6.36
N PHE A 339 14.73 8.40 6.06
CA PHE A 339 15.25 8.32 4.70
C PHE A 339 14.87 6.99 4.06
N ILE A 340 14.94 5.91 4.83
CA ILE A 340 14.54 4.59 4.35
C ILE A 340 13.04 4.56 4.06
N ARG A 341 12.23 4.90 5.06
CA ARG A 341 10.78 4.80 4.94
C ARG A 341 10.21 5.79 3.91
N GLY A 342 10.75 7.01 3.88
CA GLY A 342 10.33 8.02 2.92
C GLY A 342 9.38 9.06 3.48
N THR A 343 8.84 8.78 4.67
CA THR A 343 8.10 9.77 5.46
C THR A 343 8.76 9.88 6.84
N LYS A 344 8.57 11.02 7.49
CA LYS A 344 9.24 11.30 8.77
C LYS A 344 8.92 10.24 9.83
N VAL A 345 9.96 9.75 10.47
CA VAL A 345 9.81 8.84 11.61
C VAL A 345 9.97 9.69 12.88
N VAL A 346 8.83 10.02 13.45
CA VAL A 346 8.71 10.97 14.55
C VAL A 346 9.09 10.33 15.90
N PRO A 347 9.72 11.11 16.81
CA PRO A 347 10.05 10.64 18.17
C PRO A 347 8.83 10.15 18.96
N ARG A 348 9.04 9.21 19.88
CA ARG A 348 7.94 8.59 20.64
C ARG A 348 6.96 9.61 21.22
N GLY A 349 7.49 10.64 21.87
CA GLY A 349 6.68 11.63 22.57
C GLY A 349 5.83 12.54 21.70
N LYS A 350 6.09 12.52 20.39
CA LYS A 350 5.30 13.30 19.46
C LYS A 350 4.37 12.41 18.62
N LEU A 351 4.22 11.15 19.02
CA LEU A 351 3.28 10.21 18.39
C LEU A 351 1.94 10.25 19.12
N SER A 352 0.88 10.59 18.38
CA SER A 352 -0.48 10.56 18.93
C SER A 352 -1.05 9.15 18.88
N THR A 353 -0.48 8.26 19.69
CA THR A 353 -0.87 6.85 19.72
C THR A 353 -0.47 6.16 21.03
N ARG A 354 -1.32 5.28 21.52
CA ARG A 354 -0.96 4.36 22.58
C ARG A 354 -0.64 3.00 21.95
N GLY A 355 -0.39 2.00 22.80
CA GLY A 355 0.00 0.66 22.34
C GLY A 355 -0.96 -0.03 21.39
N VAL A 356 -0.44 -1.04 20.70
CA VAL A 356 -1.20 -1.83 19.72
C VAL A 356 -2.34 -2.59 20.39
N GLN A 357 -2.04 -3.25 21.51
CA GLN A 357 -3.00 -4.10 22.20
C GLN A 357 -4.07 -3.29 22.92
N ILE A 358 -5.32 -3.69 22.71
CA ILE A 358 -6.45 -3.05 23.37
C ILE A 358 -6.78 -3.83 24.64
N ALA A 359 -6.64 -3.16 25.78
CA ALA A 359 -6.94 -3.75 27.08
C ALA A 359 -8.41 -4.08 27.19
N SER A 360 -8.73 -5.08 28.02
CA SER A 360 -10.12 -5.49 28.25
C SER A 360 -10.94 -4.41 28.95
N ASN A 361 -10.24 -3.46 29.58
CA ASN A 361 -10.85 -2.36 30.30
C ASN A 361 -11.72 -1.45 29.43
N GLU A 362 -11.27 -1.18 28.22
CA GLU A 362 -11.92 -0.19 27.34
C GLU A 362 -12.99 -0.77 26.41
N ASN A 363 -13.99 0.05 26.10
CA ASN A 363 -15.15 -0.39 25.33
C ASN A 363 -14.94 -0.38 23.83
N MET A 364 -15.45 -1.41 23.18
CA MET A 364 -15.23 -1.65 21.76
C MET A 364 -16.05 -0.76 20.84
N GLU A 365 -17.09 -0.13 21.37
CA GLU A 365 -18.03 0.65 20.57
C GLU A 365 -17.42 1.93 19.98
N THR A 366 -16.27 2.35 20.50
CA THR A 366 -15.54 3.52 19.99
C THR A 366 -14.34 3.15 19.12
N MET A 367 -14.17 1.85 18.87
CA MET A 367 -13.04 1.38 18.07
C MET A 367 -13.37 1.36 16.57
N GLU A 368 -12.40 1.79 15.78
CA GLU A 368 -12.45 1.69 14.32
C GLU A 368 -11.26 0.84 13.87
N SER A 369 -11.25 0.43 12.60
CA SER A 369 -10.13 -0.33 12.06
C SER A 369 -9.48 0.36 10.88
N SER A 370 -8.15 0.48 10.95
CA SER A 370 -7.37 1.20 9.98
C SER A 370 -6.29 0.32 9.35
N THR A 371 -5.96 0.59 8.10
CA THR A 371 -4.82 -0.03 7.41
C THR A 371 -3.53 0.49 8.03
N LEU A 372 -2.59 -0.41 8.29
CA LEU A 372 -1.27 -0.04 8.78
C LEU A 372 -0.36 0.17 7.59
N GLU A 373 0.24 1.36 7.51
CA GLU A 373 1.18 1.65 6.43
C GLU A 373 2.57 1.16 6.79
N LEU A 374 2.90 -0.04 6.34
CA LEU A 374 4.13 -0.70 6.72
C LEU A 374 5.15 -0.84 5.58
N ARG A 375 4.98 -0.03 4.53
CA ARG A 375 5.88 -0.05 3.38
C ARG A 375 7.00 0.98 3.53
N SER A 376 7.85 1.08 2.52
CA SER A 376 9.06 1.92 2.58
C SER A 376 9.48 2.38 1.21
N ARG A 377 10.03 3.60 1.15
CA ARG A 377 10.62 4.13 -0.08
C ARG A 377 11.81 3.26 -0.49
N TYR A 378 12.71 3.02 0.46
CA TYR A 378 13.90 2.22 0.21
C TYR A 378 13.96 1.01 1.14
N TRP A 379 14.88 0.09 0.87
CA TRP A 379 15.25 -0.90 1.86
C TRP A 379 16.72 -0.77 2.24
N ALA A 380 17.12 -1.49 3.28
CA ALA A 380 18.51 -1.53 3.73
C ALA A 380 18.77 -2.81 4.52
N ILE A 381 19.95 -3.37 4.34
CA ILE A 381 20.35 -4.58 5.05
C ILE A 381 20.38 -4.33 6.56
N ARG A 382 19.77 -5.23 7.32
CA ARG A 382 19.87 -5.20 8.78
C ARG A 382 21.23 -5.73 9.21
N THR A 383 21.89 -5.02 10.13
CA THR A 383 23.28 -5.29 10.49
C THR A 383 23.49 -5.85 11.91
N ARG A 384 24.52 -6.69 12.06
CA ARG A 384 24.95 -7.20 13.37
C ARG A 384 25.89 -6.22 14.05
N SER A 385 26.47 -5.31 13.27
CA SER A 385 27.56 -4.45 13.73
C SER A 385 27.09 -3.31 14.65
N GLY A 386 27.98 -2.88 15.55
CA GLY A 386 27.74 -1.72 16.39
C GLY A 386 28.43 -0.48 15.86
N GLY A 387 28.94 -0.58 14.63
CA GLY A 387 29.71 0.49 14.00
C GLY A 387 31.17 0.40 14.34
N ASN A 388 31.97 1.33 13.82
CA ASN A 388 33.40 1.38 14.14
C ASN A 388 33.65 1.67 15.61
N THR A 389 34.54 0.88 16.21
CA THR A 389 34.96 1.05 17.59
C THR A 389 36.46 0.86 17.66
N ASN A 390 36.98 0.14 16.66
CA ASN A 390 38.37 -0.28 16.64
C ASN A 390 39.21 0.54 15.66
N GLN A 391 40.39 0.02 15.35
CA GLN A 391 41.32 0.59 14.37
C GLN A 391 41.87 1.96 14.77
N GLN A 392 41.04 3.00 14.64
CA GLN A 392 41.47 4.40 14.80
C GLN A 392 42.71 4.70 13.94
N ARG A 393 42.74 4.12 12.74
CA ARG A 393 43.79 4.37 11.77
C ARG A 393 43.63 5.77 11.21
N ALA A 394 44.51 6.67 11.64
CA ALA A 394 44.47 8.10 11.30
C ALA A 394 43.10 8.71 11.61
N SER A 395 42.64 9.61 10.74
CA SER A 395 41.38 10.31 10.94
C SER A 395 40.86 10.88 9.63
N SER A 396 41.61 11.83 9.06
CA SER A 396 41.21 12.62 7.88
C SER A 396 39.95 13.48 8.14
N GLY A 397 40.18 14.77 8.38
CA GLY A 397 39.10 15.72 8.66
C GLY A 397 39.62 17.13 8.91
N GLN A 398 38.74 18.00 9.42
CA GLN A 398 39.12 19.36 9.76
C GLN A 398 38.39 19.82 11.02
N ILE A 399 39.13 20.24 12.03
CA ILE A 399 38.54 20.60 13.33
C ILE A 399 38.75 22.05 13.74
N SER A 400 39.23 22.87 12.81
CA SER A 400 39.43 24.30 13.04
C SER A 400 39.57 25.01 11.69
N ILE A 401 39.44 26.33 11.70
CA ILE A 401 39.71 27.14 10.51
C ILE A 401 40.89 28.09 10.73
N GLN A 402 41.54 28.47 9.64
CA GLN A 402 42.55 29.51 9.69
C GLN A 402 42.01 30.71 8.92
N PRO A 403 41.83 31.85 9.61
CA PRO A 403 41.26 33.04 9.00
C PRO A 403 42.08 33.54 7.81
N THR A 404 41.41 33.78 6.70
CA THR A 404 42.05 34.33 5.50
C THR A 404 41.69 35.81 5.29
N PHE A 405 40.45 36.16 5.63
CA PHE A 405 39.98 37.51 5.41
C PHE A 405 39.78 38.26 6.72
N SER A 406 40.14 39.53 6.72
CA SER A 406 39.90 40.42 7.85
C SER A 406 38.42 40.80 7.90
N VAL A 407 37.63 39.96 8.56
CA VAL A 407 36.19 40.17 8.73
C VAL A 407 35.78 39.81 10.15
N GLN A 408 34.78 40.50 10.68
CA GLN A 408 34.27 40.21 12.03
C GLN A 408 33.44 38.93 12.03
N ARG A 409 33.86 37.97 12.86
CA ARG A 409 33.15 36.70 13.08
C ARG A 409 33.74 35.96 14.26
N ASN A 410 33.06 34.88 14.66
CA ASN A 410 33.66 33.91 15.57
C ASN A 410 34.58 33.00 14.77
N LEU A 411 35.52 32.35 15.45
CA LEU A 411 36.43 31.44 14.77
C LEU A 411 36.20 30.02 15.29
N PRO A 412 35.35 29.25 14.59
CA PRO A 412 34.92 27.94 15.06
C PRO A 412 36.06 26.94 15.18
N PHE A 413 35.94 26.05 16.15
CA PHE A 413 36.86 24.93 16.32
C PHE A 413 36.16 23.83 17.10
N ASP A 414 36.54 22.59 16.84
CA ASP A 414 35.97 21.47 17.55
C ASP A 414 36.63 21.35 18.92
N ARG A 415 36.04 22.01 19.92
CA ARG A 415 36.60 22.05 21.26
C ARG A 415 36.81 20.68 21.91
N PRO A 416 35.75 19.85 22.00
CA PRO A 416 35.93 18.57 22.69
C PRO A 416 37.02 17.69 22.08
N THR A 417 37.14 17.71 20.75
CA THR A 417 38.17 16.94 20.05
C THR A 417 39.58 17.46 20.33
N ILE A 418 39.77 18.78 20.19
CA ILE A 418 41.09 19.38 20.43
C ILE A 418 41.55 19.20 21.87
N MET A 419 40.65 19.42 22.83
CA MET A 419 40.94 19.29 24.25
C MET A 419 41.10 17.84 24.71
N ALA A 420 40.53 16.89 23.94
CA ALA A 420 40.57 15.47 24.28
C ALA A 420 41.97 14.97 24.59
N ALA A 421 42.93 15.28 23.71
CA ALA A 421 44.32 14.84 23.85
C ALA A 421 45.02 15.37 25.12
N PHE A 422 44.29 16.11 25.95
CA PHE A 422 44.82 16.64 27.20
C PHE A 422 43.91 16.27 28.37
N ASP A 432 43.39 -0.56 34.95
CA ASP A 432 44.21 -0.85 33.78
C ASP A 432 43.34 -0.97 32.53
N MET A 433 42.38 -1.89 32.55
CA MET A 433 41.45 -2.07 31.43
C MET A 433 40.29 -1.07 31.52
N ARG A 434 40.08 -0.52 32.71
CA ARG A 434 39.06 0.50 32.94
C ARG A 434 39.46 1.83 32.31
N THR A 435 40.69 2.27 32.58
CA THR A 435 41.21 3.54 32.03
C THR A 435 41.49 3.43 30.53
N GLU A 436 41.89 2.25 30.07
CA GLU A 436 42.07 2.00 28.64
C GLU A 436 40.78 2.25 27.88
N ILE A 437 39.66 1.82 28.46
CA ILE A 437 38.33 2.06 27.91
C ILE A 437 37.99 3.55 27.94
N ILE A 438 38.22 4.20 29.08
CA ILE A 438 38.05 5.65 29.20
C ILE A 438 38.77 6.37 28.05
N ARG A 439 40.04 6.00 27.85
CA ARG A 439 40.88 6.61 26.82
C ARG A 439 40.31 6.37 25.43
N LEU A 440 39.67 5.21 25.25
CA LEU A 440 39.13 4.81 23.97
C LEU A 440 37.86 5.60 23.61
N MET A 441 36.95 5.73 24.56
CA MET A 441 35.71 6.45 24.31
C MET A 441 35.88 7.98 24.36
N GLU A 442 37.00 8.41 24.93
CA GLU A 442 37.38 9.82 24.93
C GLU A 442 37.89 10.23 23.55
N SER A 443 38.43 9.27 22.81
CA SER A 443 38.88 9.46 21.44
C SER A 443 37.73 9.53 20.44
N ALA A 444 36.66 8.79 20.72
CA ALA A 444 35.52 8.71 19.82
C ALA A 444 34.82 10.05 19.69
N ARG A 445 34.22 10.28 18.52
CA ARG A 445 33.52 11.52 18.23
C ARG A 445 32.15 11.19 17.65
N PRO A 446 31.12 11.96 18.02
CA PRO A 446 29.79 11.77 17.42
C PRO A 446 29.84 11.90 15.90
N GLU A 447 30.81 12.65 15.39
CA GLU A 447 30.97 12.90 13.95
C GLU A 447 31.58 11.72 13.18
N ASP A 448 32.16 10.76 13.90
CA ASP A 448 32.83 9.62 13.26
C ASP A 448 31.86 8.74 12.47
N VAL A 449 32.23 8.43 11.24
CA VAL A 449 31.38 7.68 10.32
C VAL A 449 31.59 6.16 10.43
N SER A 450 30.48 5.43 10.49
CA SER A 450 30.50 3.97 10.45
C SER A 450 29.84 3.48 9.16
N PHE A 451 30.01 2.19 8.86
CA PHE A 451 29.45 1.53 7.68
C PHE A 451 29.81 2.22 6.37
N GLN A 452 31.09 2.56 6.22
CA GLN A 452 31.59 3.24 5.02
C GLN A 452 31.30 2.46 3.72
N GLY A 453 30.80 3.17 2.72
CA GLY A 453 30.51 2.57 1.42
C GLY A 453 29.15 1.90 1.33
N ARG A 454 28.56 1.60 2.49
CA ARG A 454 27.28 0.92 2.56
C ARG A 454 26.10 1.87 2.53
N GLY A 455 25.08 1.53 1.75
CA GLY A 455 23.93 2.38 1.55
C GLY A 455 22.60 1.67 1.45
N VAL A 456 21.54 2.45 1.24
CA VAL A 456 20.18 1.92 1.12
C VAL A 456 19.97 1.48 -0.34
N PHE A 457 18.85 0.81 -0.60
CA PHE A 457 18.59 0.26 -1.94
C PHE A 457 17.16 0.50 -2.40
N GLU A 458 16.97 0.56 -3.71
CA GLU A 458 15.65 0.57 -4.33
C GLU A 458 15.02 -0.80 -4.12
N LEU A 459 13.70 -0.83 -4.02
CA LEU A 459 12.99 -2.10 -3.87
C LEU A 459 13.09 -2.98 -5.11
N SER A 460 13.45 -2.37 -6.23
CA SER A 460 13.67 -3.09 -7.48
C SER A 460 15.05 -3.74 -7.50
N ASP A 461 15.92 -3.31 -6.59
CA ASP A 461 17.31 -3.79 -6.51
C ASP A 461 17.39 -5.04 -5.62
N GLU A 462 16.96 -6.17 -6.16
CA GLU A 462 16.91 -7.46 -5.44
C GLU A 462 18.28 -7.85 -4.89
N LYS A 463 19.28 -7.78 -5.76
CA LYS A 463 20.62 -8.25 -5.46
C LYS A 463 21.49 -7.21 -4.74
N ALA A 464 20.90 -6.05 -4.45
CA ALA A 464 21.57 -4.96 -3.70
C ALA A 464 22.85 -4.48 -4.41
N THR A 465 22.71 -4.12 -5.68
CA THR A 465 23.84 -3.80 -6.57
C THR A 465 24.25 -2.32 -6.53
N SER A 466 23.28 -1.44 -6.29
CA SER A 466 23.50 0.01 -6.39
C SER A 466 23.16 0.76 -5.11
N PRO A 467 24.09 0.79 -4.14
CA PRO A 467 23.83 1.45 -2.86
C PRO A 467 23.63 2.96 -3.00
N ILE A 468 22.59 3.46 -2.34
CA ILE A 468 22.38 4.89 -2.23
C ILE A 468 22.91 5.33 -0.87
N VAL A 469 23.94 6.18 -0.89
CA VAL A 469 24.50 6.76 0.33
C VAL A 469 23.81 8.10 0.63
N PRO A 470 23.03 8.16 1.72
CA PRO A 470 22.27 9.35 2.06
C PRO A 470 23.14 10.52 2.51
N SER A 471 22.87 11.70 1.98
CA SER A 471 23.60 12.91 2.35
C SER A 471 23.00 13.52 3.61
N PHE A 472 23.70 13.36 4.72
CA PHE A 472 23.28 13.94 6.00
C PHE A 472 23.99 15.28 6.27
N GLY A 478 16.93 15.41 14.82
CA GLY A 478 16.30 14.43 15.71
C GLY A 478 16.77 13.02 15.42
N SER A 479 17.54 12.46 16.36
CA SER A 479 18.11 11.12 16.21
C SER A 479 17.50 10.08 17.17
N TYR A 480 17.07 10.51 18.34
CA TYR A 480 16.63 9.60 19.41
C TYR A 480 15.12 9.47 19.49
N PHE A 481 14.64 8.23 19.35
CA PHE A 481 13.21 7.94 19.44
C PHE A 481 12.67 8.20 20.84
N PHE A 482 13.42 7.77 21.85
CA PHE A 482 13.03 7.96 23.25
C PHE A 482 13.68 9.20 23.87
N GLY A 483 14.07 10.14 23.02
CA GLY A 483 14.75 11.35 23.48
C GLY A 483 13.87 12.56 23.77
N ASP A 484 12.60 12.47 23.37
CA ASP A 484 11.68 13.61 23.46
C ASP A 484 10.53 13.34 24.46
N ASN A 485 10.76 13.69 25.72
CA ASN A 485 9.77 13.50 26.78
C ASN A 485 9.67 14.65 27.79
N ALA A 486 8.79 14.50 28.78
CA ALA A 486 8.49 15.56 29.76
C ALA A 486 9.64 15.91 30.71
N GLU A 487 10.68 15.07 30.74
CA GLU A 487 11.86 15.33 31.58
C GLU A 487 13.08 15.82 30.77
N GLU A 488 13.14 15.44 29.49
CA GLU A 488 14.33 15.67 28.66
C GLU A 488 13.98 16.02 27.23
N TYR A 489 14.68 17.01 26.68
CA TYR A 489 14.54 17.33 25.26
C TYR A 489 15.82 16.98 24.51
N ASP A 490 15.83 15.78 23.90
CA ASP A 490 16.99 15.31 23.14
C ASP A 490 16.67 15.17 21.65
N ALA B 15 -30.21 6.23 -1.47
CA ALA B 15 -31.07 5.04 -1.23
C ALA B 15 -30.22 3.82 -0.87
N THR B 16 -30.62 3.14 0.20
CA THR B 16 -29.99 1.90 0.61
C THR B 16 -30.29 0.80 -0.42
N GLU B 17 -31.47 0.88 -1.04
CA GLU B 17 -31.91 -0.08 -2.03
C GLU B 17 -31.07 -0.02 -3.32
N ILE B 18 -30.85 1.20 -3.83
CA ILE B 18 -30.00 1.41 -5.00
C ILE B 18 -28.57 0.96 -4.71
N ARG B 19 -28.16 1.14 -3.46
CA ARG B 19 -26.84 0.77 -2.98
C ARG B 19 -26.68 -0.74 -2.90
N ALA B 20 -27.77 -1.44 -2.57
CA ALA B 20 -27.78 -2.89 -2.42
C ALA B 20 -27.86 -3.62 -3.76
N SER B 21 -28.56 -3.02 -4.73
CA SER B 21 -28.68 -3.63 -6.04
C SER B 21 -27.37 -3.48 -6.82
N VAL B 22 -26.70 -2.35 -6.63
CA VAL B 22 -25.36 -2.14 -7.20
C VAL B 22 -24.39 -3.10 -6.50
N GLY B 23 -24.51 -3.22 -5.19
CA GLY B 23 -23.71 -4.15 -4.41
C GLY B 23 -23.93 -5.61 -4.76
N LYS B 24 -25.14 -5.92 -5.23
CA LYS B 24 -25.48 -7.27 -5.70
C LYS B 24 -24.68 -7.67 -6.94
N MET B 25 -24.52 -6.75 -7.88
CA MET B 25 -23.83 -7.08 -9.12
C MET B 25 -22.33 -7.26 -8.89
N ILE B 26 -21.77 -6.46 -7.99
CA ILE B 26 -20.36 -6.56 -7.62
C ILE B 26 -20.05 -7.88 -6.90
N ASP B 27 -20.98 -8.33 -6.05
CA ASP B 27 -20.87 -9.66 -5.46
C ASP B 27 -20.88 -10.71 -6.56
N GLY B 28 -21.72 -10.47 -7.58
CA GLY B 28 -21.79 -11.34 -8.76
C GLY B 28 -20.45 -11.47 -9.46
N ILE B 29 -19.88 -10.34 -9.87
CA ILE B 29 -18.53 -10.32 -10.47
C ILE B 29 -17.54 -11.01 -9.54
N GLY B 30 -17.58 -10.64 -8.26
CA GLY B 30 -16.72 -11.22 -7.24
C GLY B 30 -16.76 -12.74 -7.24
N ARG B 31 -17.94 -13.30 -6.95
CA ARG B 31 -18.15 -14.74 -6.92
C ARG B 31 -17.68 -15.42 -8.19
N PHE B 32 -18.04 -14.84 -9.33
CA PHE B 32 -17.67 -15.38 -10.63
C PHE B 32 -16.16 -15.45 -10.80
N TYR B 33 -15.49 -14.34 -10.54
CA TYR B 33 -14.05 -14.27 -10.65
C TYR B 33 -13.37 -15.28 -9.73
N ILE B 34 -13.87 -15.37 -8.49
CA ILE B 34 -13.36 -16.34 -7.51
C ILE B 34 -13.46 -17.74 -8.10
N GLN B 35 -14.67 -18.09 -8.57
CA GLN B 35 -14.92 -19.40 -9.14
C GLN B 35 -14.02 -19.67 -10.34
N MET B 36 -13.94 -18.68 -11.23
CA MET B 36 -13.11 -18.77 -12.43
C MET B 36 -11.64 -19.00 -12.09
N CYS B 37 -11.19 -18.43 -10.97
CA CYS B 37 -9.80 -18.59 -10.53
C CYS B 37 -9.47 -20.00 -10.05
N THR B 38 -10.36 -20.60 -9.26
CA THR B 38 -10.12 -21.95 -8.76
C THR B 38 -10.24 -22.98 -9.89
N GLU B 39 -11.11 -22.69 -10.86
CA GLU B 39 -11.23 -23.50 -12.07
C GLU B 39 -9.91 -23.57 -12.83
N LEU B 40 -9.22 -22.43 -12.88
CA LEU B 40 -7.94 -22.31 -13.56
C LEU B 40 -6.77 -22.67 -12.65
N LYS B 41 -7.07 -23.06 -11.42
CA LYS B 41 -6.06 -23.41 -10.42
C LYS B 41 -5.01 -22.31 -10.25
N LEU B 42 -5.47 -21.07 -10.44
CA LEU B 42 -4.63 -19.89 -10.28
C LEU B 42 -4.33 -19.62 -8.82
N SER B 43 -3.14 -19.08 -8.58
CA SER B 43 -2.75 -18.58 -7.27
C SER B 43 -3.51 -17.28 -6.99
N ASP B 44 -3.62 -16.92 -5.70
CA ASP B 44 -4.24 -15.67 -5.30
C ASP B 44 -3.48 -14.48 -5.89
N TYR B 45 -2.16 -14.50 -5.76
CA TYR B 45 -1.28 -13.48 -6.39
C TYR B 45 -1.48 -13.45 -7.91
N GLU B 46 -1.48 -14.62 -8.54
CA GLU B 46 -1.70 -14.73 -9.98
C GLU B 46 -3.12 -14.32 -10.37
N GLY B 47 -4.07 -14.55 -9.46
CA GLY B 47 -5.45 -14.16 -9.67
C GLY B 47 -5.61 -12.65 -9.68
N ARG B 48 -4.75 -11.98 -8.91
CA ARG B 48 -4.79 -10.53 -8.79
C ARG B 48 -3.87 -9.85 -9.81
N LEU B 49 -3.31 -10.63 -10.73
CA LEU B 49 -2.55 -10.07 -11.83
C LEU B 49 -3.55 -9.57 -12.87
N ILE B 50 -3.59 -8.25 -13.04
CA ILE B 50 -4.60 -7.60 -13.89
C ILE B 50 -4.74 -8.25 -15.26
N GLN B 51 -3.62 -8.73 -15.81
CA GLN B 51 -3.62 -9.37 -17.13
C GLN B 51 -4.49 -10.64 -17.16
N ASN B 52 -4.39 -11.45 -16.11
CA ASN B 52 -5.29 -12.60 -15.94
C ASN B 52 -6.74 -12.16 -15.78
N SER B 53 -6.95 -11.12 -14.98
CA SER B 53 -8.28 -10.53 -14.76
C SER B 53 -8.93 -10.15 -16.09
N LEU B 54 -8.16 -9.47 -16.95
CA LEU B 54 -8.63 -9.08 -18.28
C LEU B 54 -9.02 -10.27 -19.15
N THR B 55 -8.20 -11.33 -19.14
CA THR B 55 -8.52 -12.53 -19.89
C THR B 55 -9.84 -13.15 -19.40
N ILE B 56 -9.95 -13.31 -18.08
CA ILE B 56 -11.15 -13.84 -17.45
C ILE B 56 -12.37 -12.96 -17.78
N GLU B 57 -12.19 -11.65 -17.68
CA GLU B 57 -13.25 -10.70 -18.05
C GLU B 57 -13.63 -10.82 -19.52
N ARG B 58 -12.63 -10.99 -20.39
CA ARG B 58 -12.86 -11.14 -21.82
C ARG B 58 -13.56 -12.46 -22.15
N MET B 59 -13.32 -13.47 -21.32
CA MET B 59 -13.92 -14.80 -21.51
C MET B 59 -15.44 -14.81 -21.32
N VAL B 60 -15.92 -14.13 -20.28
CA VAL B 60 -17.36 -14.00 -20.01
C VAL B 60 -18.06 -13.29 -21.15
N LEU B 61 -17.47 -12.17 -21.58
CA LEU B 61 -18.07 -11.31 -22.59
C LEU B 61 -18.13 -11.99 -23.96
N SER B 62 -17.13 -12.81 -24.26
CA SER B 62 -17.12 -13.63 -25.47
C SER B 62 -18.24 -14.67 -25.42
N ALA B 63 -18.39 -15.29 -24.25
CA ALA B 63 -19.42 -16.31 -24.02
C ALA B 63 -20.84 -15.76 -24.20
N PHE B 64 -21.05 -14.51 -23.79
CA PHE B 64 -22.35 -13.85 -23.93
C PHE B 64 -22.43 -12.93 -25.14
N ASP B 65 -21.47 -13.06 -26.05
CA ASP B 65 -21.48 -12.32 -27.31
C ASP B 65 -22.41 -13.03 -28.28
N GLU B 66 -23.69 -12.69 -28.20
CA GLU B 66 -24.75 -13.37 -28.97
C GLU B 66 -24.51 -13.31 -30.48
N ARG B 67 -24.09 -12.14 -30.97
CA ARG B 67 -23.80 -11.95 -32.39
C ARG B 67 -22.71 -12.89 -32.89
N ARG B 68 -21.61 -12.95 -32.15
CA ARG B 68 -20.48 -13.82 -32.49
C ARG B 68 -20.84 -15.31 -32.36
N ASN B 69 -21.73 -15.62 -31.42
CA ASN B 69 -22.20 -16.99 -31.21
C ASN B 69 -23.24 -17.42 -32.26
N LYS B 70 -24.11 -16.48 -32.64
CA LYS B 70 -25.07 -16.70 -33.72
C LYS B 70 -24.34 -16.88 -35.04
N TYR B 71 -23.27 -16.10 -35.23
CA TYR B 71 -22.41 -16.21 -36.40
C TYR B 71 -21.72 -17.58 -36.46
N LEU B 72 -21.04 -17.94 -35.37
CA LEU B 72 -20.28 -19.19 -35.31
C LEU B 72 -21.15 -20.44 -35.51
N GLU B 73 -22.42 -20.32 -35.14
CA GLU B 73 -23.41 -21.37 -35.37
C GLU B 73 -23.77 -21.44 -36.87
N GLU B 74 -23.96 -20.27 -37.48
CA GLU B 74 -24.29 -20.17 -38.90
C GLU B 74 -23.09 -20.38 -39.82
N HIS B 75 -21.88 -20.37 -39.25
CA HIS B 75 -20.66 -20.56 -40.02
C HIS B 75 -19.68 -21.52 -39.31
N PRO B 76 -19.82 -22.84 -39.57
CA PRO B 76 -18.95 -23.86 -38.98
C PRO B 76 -17.48 -23.70 -39.39
N ASP B 81 -12.30 -23.76 -32.87
CA ASP B 81 -13.56 -24.33 -32.40
C ASP B 81 -14.59 -23.26 -32.06
N PRO B 82 -15.86 -23.48 -32.45
CA PRO B 82 -16.93 -22.52 -32.14
C PRO B 82 -17.41 -22.58 -30.68
N LYS B 83 -17.44 -23.78 -30.11
CA LYS B 83 -18.00 -24.00 -28.77
C LYS B 83 -17.13 -23.41 -27.65
N LYS B 84 -15.83 -23.28 -27.90
CA LYS B 84 -14.89 -22.84 -26.87
C LYS B 84 -14.35 -21.43 -27.12
N THR B 85 -13.95 -20.76 -26.05
CA THR B 85 -13.29 -19.45 -26.12
C THR B 85 -12.17 -19.37 -25.08
N GLY B 86 -11.26 -18.42 -25.25
CA GLY B 86 -10.14 -18.29 -24.33
C GLY B 86 -9.38 -16.99 -24.40
N GLY B 87 -8.09 -17.07 -24.08
CA GLY B 87 -7.20 -15.93 -24.03
C GLY B 87 -5.95 -16.31 -23.27
N PRO B 88 -5.00 -15.38 -23.14
CA PRO B 88 -3.76 -15.72 -22.44
C PRO B 88 -3.91 -15.68 -20.91
N ILE B 89 -3.43 -16.73 -20.26
CA ILE B 89 -3.37 -16.78 -18.80
C ILE B 89 -1.93 -16.95 -18.35
N TYR B 90 -1.58 -16.29 -17.26
CA TYR B 90 -0.19 -16.11 -16.85
C TYR B 90 0.09 -16.72 -15.49
N ARG B 91 1.09 -17.59 -15.43
CA ARG B 91 1.48 -18.25 -14.18
C ARG B 91 2.95 -18.08 -13.90
N ARG B 92 3.33 -18.22 -12.63
CA ARG B 92 4.73 -18.22 -12.25
C ARG B 92 5.21 -19.66 -12.11
N VAL B 93 6.07 -20.07 -13.03
CA VAL B 93 6.59 -21.43 -13.09
C VAL B 93 8.12 -21.35 -13.17
N ASP B 94 8.79 -22.15 -12.35
CA ASP B 94 10.26 -22.20 -12.30
C ASP B 94 10.89 -20.80 -12.26
N GLY B 95 10.41 -19.98 -11.33
CA GLY B 95 10.91 -18.61 -11.14
C GLY B 95 10.62 -17.64 -12.28
N LYS B 96 9.89 -18.09 -13.29
CA LYS B 96 9.62 -17.27 -14.47
C LYS B 96 8.13 -17.20 -14.81
N TRP B 97 7.72 -16.09 -15.41
CA TRP B 97 6.35 -15.92 -15.87
C TRP B 97 6.12 -16.61 -17.21
N ARG B 98 5.25 -17.62 -17.20
CA ARG B 98 4.86 -18.33 -18.40
C ARG B 98 3.50 -17.85 -18.87
N ARG B 99 3.32 -17.83 -20.20
CA ARG B 99 2.02 -17.53 -20.81
C ARG B 99 1.42 -18.80 -21.43
N GLU B 100 0.14 -19.03 -21.16
CA GLU B 100 -0.59 -20.17 -21.74
C GLU B 100 -1.92 -19.73 -22.34
N LEU B 101 -2.27 -20.30 -23.49
CA LEU B 101 -3.58 -20.07 -24.09
C LEU B 101 -4.54 -21.16 -23.62
N ILE B 102 -5.38 -20.82 -22.66
CA ILE B 102 -6.38 -21.74 -22.15
C ILE B 102 -7.64 -21.61 -23.00
N LEU B 103 -8.19 -22.75 -23.42
CA LEU B 103 -9.49 -22.78 -24.08
C LEU B 103 -10.55 -23.35 -23.14
N TYR B 104 -11.68 -22.65 -23.04
CA TYR B 104 -12.75 -23.00 -22.12
C TYR B 104 -14.08 -23.01 -22.84
N ASP B 105 -14.93 -23.97 -22.49
CA ASP B 105 -16.26 -24.11 -23.08
C ASP B 105 -17.15 -22.91 -22.74
N LYS B 106 -17.78 -22.32 -23.76
CA LYS B 106 -18.61 -21.13 -23.57
C LYS B 106 -19.80 -21.35 -22.63
N GLU B 107 -20.51 -22.47 -22.83
CA GLU B 107 -21.68 -22.80 -22.00
C GLU B 107 -21.29 -22.95 -20.53
N GLU B 108 -20.16 -23.58 -20.28
CA GLU B 108 -19.64 -23.72 -18.92
C GLU B 108 -19.31 -22.36 -18.30
N ILE B 109 -18.79 -21.44 -19.11
CA ILE B 109 -18.54 -20.06 -18.65
C ILE B 109 -19.86 -19.38 -18.27
N ARG B 110 -20.84 -19.44 -19.17
CA ARG B 110 -22.18 -18.91 -18.96
C ARG B 110 -22.85 -19.52 -17.73
N ARG B 111 -22.62 -20.82 -17.52
CA ARG B 111 -23.11 -21.53 -16.35
C ARG B 111 -22.49 -20.96 -15.06
N ILE B 112 -21.17 -20.79 -15.07
CA ILE B 112 -20.43 -20.25 -13.92
C ILE B 112 -20.85 -18.81 -13.60
N TRP B 113 -21.14 -18.03 -14.65
CA TRP B 113 -21.65 -16.68 -14.48
C TRP B 113 -23.03 -16.69 -13.81
N ARG B 114 -23.98 -17.41 -14.42
CA ARG B 114 -25.35 -17.50 -13.92
C ARG B 114 -25.40 -17.97 -12.47
N GLN B 115 -24.64 -19.01 -12.16
CA GLN B 115 -24.58 -19.57 -10.80
C GLN B 115 -24.07 -18.54 -9.80
N ALA B 116 -23.08 -17.75 -10.22
CA ALA B 116 -22.48 -16.70 -9.38
C ALA B 116 -23.38 -15.47 -9.24
N ASN B 117 -24.33 -15.34 -10.16
CA ASN B 117 -25.35 -14.29 -10.06
C ASN B 117 -26.71 -14.88 -9.68
N ASN B 118 -26.66 -15.95 -8.90
CA ASN B 118 -27.84 -16.57 -8.28
C ASN B 118 -28.92 -17.00 -9.28
N GLY B 119 -28.48 -17.46 -10.45
CA GLY B 119 -29.39 -17.98 -11.47
C GLY B 119 -29.66 -17.02 -12.62
N ASP B 120 -29.52 -15.73 -12.36
CA ASP B 120 -29.80 -14.72 -13.38
C ASP B 120 -28.66 -14.56 -14.38
N ASP B 121 -29.01 -14.14 -15.60
CA ASP B 121 -28.00 -13.86 -16.63
C ASP B 121 -27.30 -12.52 -16.41
N ALA B 122 -27.92 -11.65 -15.61
CA ALA B 122 -27.31 -10.42 -15.07
C ALA B 122 -26.39 -9.66 -16.03
N THR B 123 -26.99 -9.03 -17.05
CA THR B 123 -26.22 -8.25 -18.03
C THR B 123 -25.63 -6.97 -17.45
N ALA B 124 -26.19 -6.49 -16.35
CA ALA B 124 -25.70 -5.28 -15.67
C ALA B 124 -24.26 -5.47 -15.18
N GLY B 125 -23.94 -6.69 -14.76
CA GLY B 125 -22.58 -7.04 -14.32
C GLY B 125 -21.60 -7.15 -15.46
N LEU B 126 -22.06 -7.71 -16.58
CA LEU B 126 -21.26 -7.78 -17.80
C LEU B 126 -20.96 -6.36 -18.33
N THR B 127 -21.99 -5.52 -18.37
CA THR B 127 -21.85 -4.13 -18.81
C THR B 127 -20.86 -3.37 -17.93
N HIS B 128 -20.91 -3.60 -16.62
CA HIS B 128 -19.97 -3.01 -15.67
C HIS B 128 -18.52 -3.33 -16.05
N MET B 129 -18.28 -4.57 -16.46
CA MET B 129 -16.95 -5.01 -16.86
C MET B 129 -16.56 -4.47 -18.25
N MET B 130 -17.57 -4.11 -19.04
CA MET B 130 -17.34 -3.46 -20.32
C MET B 130 -16.99 -1.99 -20.13
N ILE B 131 -17.64 -1.35 -19.15
CA ILE B 131 -17.35 0.06 -18.83
C ILE B 131 -15.91 0.19 -18.32
N TRP B 132 -15.46 -0.78 -17.52
CA TRP B 132 -14.06 -0.85 -17.08
C TRP B 132 -13.09 -0.96 -18.25
N HIS B 133 -13.37 -1.87 -19.20
CA HIS B 133 -12.52 -2.04 -20.38
C HIS B 133 -12.48 -0.77 -21.23
N SER B 134 -13.64 -0.14 -21.41
CA SER B 134 -13.75 1.14 -22.11
C SER B 134 -12.97 2.23 -21.39
N ASN B 135 -13.07 2.26 -20.06
CA ASN B 135 -12.31 3.18 -19.23
C ASN B 135 -10.81 2.94 -19.32
N LEU B 136 -10.43 1.68 -19.53
CA LEU B 136 -9.03 1.31 -19.76
C LEU B 136 -8.58 1.67 -21.16
N ASN B 137 -9.47 1.48 -22.15
CA ASN B 137 -9.19 1.83 -23.54
C ASN B 137 -9.01 3.33 -23.73
N ASP B 138 -9.83 4.11 -23.02
CA ASP B 138 -9.74 5.56 -23.06
C ASP B 138 -8.42 6.05 -22.45
N ALA B 139 -8.03 5.45 -21.33
CA ALA B 139 -6.80 5.79 -20.64
C ALA B 139 -5.54 5.44 -21.43
N THR B 140 -5.57 4.31 -22.15
CA THR B 140 -4.39 3.77 -22.80
C THR B 140 -4.01 4.48 -24.10
N TYR B 141 -4.97 4.65 -25.00
CA TYR B 141 -4.67 5.16 -26.34
C TYR B 141 -5.66 6.22 -26.84
N GLN B 142 -5.12 7.26 -27.47
CA GLN B 142 -5.93 8.28 -28.15
C GLN B 142 -6.47 7.71 -29.47
N ARG B 143 -7.77 7.88 -29.69
CA ARG B 143 -8.43 7.27 -30.84
C ARG B 143 -8.65 8.26 -32.00
N THR B 144 -7.55 8.69 -32.60
CA THR B 144 -7.59 9.67 -33.71
C THR B 144 -8.06 9.07 -35.03
N ARG B 145 -7.65 7.85 -35.31
CA ARG B 145 -7.96 7.18 -36.58
C ARG B 145 -9.47 6.93 -36.75
N ALA B 146 -10.13 6.59 -35.64
CA ALA B 146 -11.57 6.36 -35.65
C ALA B 146 -12.35 7.65 -35.90
N LEU B 147 -11.78 8.77 -35.43
CA LEU B 147 -12.39 10.09 -35.59
C LEU B 147 -12.33 10.61 -37.02
N VAL B 148 -11.13 10.58 -37.61
CA VAL B 148 -10.92 11.08 -38.98
C VAL B 148 -11.74 10.30 -40.02
N ARG B 149 -11.85 9.00 -39.82
CA ARG B 149 -12.58 8.12 -40.74
C ARG B 149 -14.07 8.44 -40.78
N THR B 150 -14.63 8.79 -39.61
CA THR B 150 -16.05 9.13 -39.50
C THR B 150 -16.33 10.52 -40.06
N GLY B 151 -15.31 11.37 -40.04
CA GLY B 151 -15.42 12.73 -40.55
C GLY B 151 -15.53 13.79 -39.47
N MET B 152 -14.78 13.60 -38.39
CA MET B 152 -14.71 14.58 -37.30
C MET B 152 -13.27 14.82 -36.82
N ASP B 153 -13.05 15.98 -36.19
CA ASP B 153 -11.73 16.42 -35.73
C ASP B 153 -11.07 15.41 -34.78
N PRO B 154 -9.84 14.96 -35.09
CA PRO B 154 -9.08 14.08 -34.19
C PRO B 154 -8.78 14.70 -32.83
N ARG B 155 -8.95 16.01 -32.71
CA ARG B 155 -8.75 16.72 -31.44
C ARG B 155 -9.94 16.55 -30.48
N MET B 156 -11.04 15.99 -30.99
CA MET B 156 -12.27 15.78 -30.22
C MET B 156 -12.20 14.55 -29.30
N CYS B 157 -11.00 14.09 -28.97
CA CYS B 157 -10.83 12.85 -28.22
C CYS B 157 -11.45 12.89 -26.82
N SER B 158 -11.53 14.09 -26.24
CA SER B 158 -12.09 14.27 -24.89
C SER B 158 -13.60 14.04 -24.83
N LEU B 159 -14.24 13.99 -26.00
CA LEU B 159 -15.67 13.73 -26.09
C LEU B 159 -15.95 12.27 -26.44
N MET B 160 -14.92 11.43 -26.40
CA MET B 160 -15.00 10.07 -26.92
C MET B 160 -14.96 8.98 -25.84
N GLN B 161 -15.55 9.27 -24.68
CA GLN B 161 -15.70 8.27 -23.62
C GLN B 161 -16.71 7.23 -24.07
N GLY B 162 -16.33 5.96 -23.97
CA GLY B 162 -17.21 4.84 -24.32
C GLY B 162 -17.33 4.55 -25.81
N SER B 163 -16.46 5.16 -26.60
CA SER B 163 -16.50 4.97 -28.07
C SER B 163 -16.17 3.53 -28.49
N THR B 164 -15.56 2.78 -27.58
CA THR B 164 -15.17 1.39 -27.84
C THR B 164 -16.21 0.38 -27.34
N LEU B 165 -17.32 0.89 -26.82
CA LEU B 165 -18.45 0.06 -26.39
C LEU B 165 -19.37 -0.25 -27.57
N PRO B 166 -20.14 -1.35 -27.50
CA PRO B 166 -21.15 -1.66 -28.52
C PRO B 166 -22.32 -0.65 -28.54
N ARG B 167 -23.11 -0.68 -29.60
CA ARG B 167 -24.26 0.22 -29.75
C ARG B 167 -25.36 -0.09 -28.73
N ARG B 168 -25.78 -1.36 -28.66
CA ARG B 168 -26.69 -1.81 -27.62
C ARG B 168 -25.85 -2.23 -26.41
N SER B 169 -25.51 -1.25 -25.57
CA SER B 169 -24.61 -1.44 -24.43
C SER B 169 -25.33 -1.44 -23.08
N GLY B 170 -26.65 -1.31 -23.11
CA GLY B 170 -27.46 -1.30 -21.89
C GLY B 170 -27.54 0.06 -21.24
N ALA B 171 -28.27 0.12 -20.12
CA ALA B 171 -28.57 1.37 -19.43
C ALA B 171 -27.34 2.17 -19.03
N ALA B 172 -26.49 1.59 -18.19
CA ALA B 172 -25.31 2.26 -17.64
C ALA B 172 -24.33 2.68 -18.75
N GLY B 173 -24.15 1.80 -19.73
CA GLY B 173 -23.26 2.05 -20.86
C GLY B 173 -23.64 3.27 -21.68
N ALA B 174 -24.94 3.53 -21.77
CA ALA B 174 -25.45 4.70 -22.47
C ALA B 174 -25.12 6.01 -21.75
N ALA B 175 -25.14 5.96 -20.41
CA ALA B 175 -24.85 7.12 -19.58
C ALA B 175 -23.38 7.51 -19.63
N VAL B 176 -22.52 6.51 -19.81
CA VAL B 176 -21.07 6.69 -19.82
C VAL B 176 -20.59 7.29 -21.14
N LYS B 177 -21.22 6.92 -22.25
CA LYS B 177 -20.84 7.39 -23.58
C LYS B 177 -20.79 8.92 -23.69
N GLY B 178 -19.68 9.45 -24.18
CA GLY B 178 -19.49 10.89 -24.34
C GLY B 178 -20.32 11.49 -25.46
N VAL B 179 -20.35 12.82 -25.52
CA VAL B 179 -21.12 13.54 -26.55
C VAL B 179 -20.64 13.15 -27.95
N GLY B 180 -19.33 13.20 -28.16
CA GLY B 180 -18.73 12.87 -29.46
C GLY B 180 -18.88 11.42 -29.83
N THR B 181 -18.93 10.54 -28.82
CA THR B 181 -19.22 9.12 -29.00
C THR B 181 -20.58 8.96 -29.67
N MET B 182 -21.59 9.59 -29.08
CA MET B 182 -22.96 9.54 -29.59
C MET B 182 -23.04 10.12 -31.00
N VAL B 183 -22.33 11.21 -31.23
CA VAL B 183 -22.27 11.85 -32.54
C VAL B 183 -21.64 10.91 -33.58
N MET B 184 -20.50 10.31 -33.23
CA MET B 184 -19.81 9.36 -34.11
C MET B 184 -20.70 8.20 -34.53
N GLU B 185 -21.49 7.69 -33.58
CA GLU B 185 -22.44 6.62 -33.84
C GLU B 185 -23.52 7.07 -34.82
N LEU B 186 -24.09 8.26 -34.57
CA LEU B 186 -25.18 8.80 -35.39
C LEU B 186 -24.71 9.16 -36.79
N ILE B 187 -23.49 9.68 -36.90
CA ILE B 187 -22.88 9.99 -38.21
C ILE B 187 -22.70 8.73 -39.05
N ARG B 188 -22.19 7.67 -38.42
CA ARG B 188 -22.02 6.38 -39.07
C ARG B 188 -23.34 5.87 -39.66
N MET B 189 -24.44 6.13 -38.94
CA MET B 189 -25.77 5.74 -39.40
C MET B 189 -26.21 6.55 -40.61
N ILE B 190 -26.10 7.88 -40.50
CA ILE B 190 -26.43 8.78 -41.61
C ILE B 190 -25.65 8.39 -42.86
N LYS B 191 -24.34 8.16 -42.69
CA LYS B 191 -23.46 7.73 -43.78
C LYS B 191 -23.95 6.44 -44.44
N ARG B 192 -24.50 5.53 -43.63
CA ARG B 192 -25.05 4.28 -44.13
C ARG B 192 -26.43 4.49 -44.74
N ARG B 207 -37.63 0.19 -38.37
CA ARG B 207 -37.02 -0.55 -37.25
C ARG B 207 -35.76 0.14 -36.71
N THR B 208 -34.87 0.53 -37.62
CA THR B 208 -33.63 1.22 -37.25
C THR B 208 -33.79 2.74 -37.21
N ARG B 209 -34.97 3.21 -37.60
CA ARG B 209 -35.36 4.60 -37.42
C ARG B 209 -35.86 4.82 -35.99
N ILE B 210 -36.43 3.76 -35.42
CA ILE B 210 -36.87 3.75 -34.02
C ILE B 210 -35.67 3.84 -33.07
N ALA B 211 -34.57 3.19 -33.44
CA ALA B 211 -33.31 3.27 -32.71
C ALA B 211 -32.65 4.63 -32.93
N TYR B 212 -32.85 5.19 -34.12
CA TYR B 212 -32.32 6.51 -34.47
C TYR B 212 -32.90 7.59 -33.56
N GLU B 213 -34.23 7.58 -33.42
CA GLU B 213 -34.92 8.50 -32.51
C GLU B 213 -34.63 8.17 -31.05
N ARG B 214 -34.34 6.89 -30.76
CA ARG B 214 -33.97 6.45 -29.42
C ARG B 214 -32.58 6.95 -29.04
N MET B 215 -31.64 6.87 -29.98
CA MET B 215 -30.27 7.33 -29.79
C MET B 215 -30.15 8.84 -29.74
N CYS B 216 -30.95 9.53 -30.57
CA CYS B 216 -31.02 11.00 -30.57
C CYS B 216 -31.51 11.53 -29.23
N ASN B 217 -32.45 10.81 -28.63
CA ASN B 217 -32.94 11.12 -27.28
C ASN B 217 -31.83 10.99 -26.23
N ILE B 218 -30.99 9.97 -26.38
CA ILE B 218 -29.84 9.76 -25.50
C ILE B 218 -28.86 10.93 -25.64
N LEU B 219 -28.60 11.34 -26.89
CA LEU B 219 -27.75 12.48 -27.18
C LEU B 219 -28.34 13.78 -26.63
N LYS B 220 -29.62 14.00 -26.89
CA LYS B 220 -30.33 15.20 -26.45
C LYS B 220 -30.28 15.37 -24.93
N GLY B 221 -30.40 14.25 -24.21
CA GLY B 221 -30.42 14.24 -22.76
C GLY B 221 -29.09 14.56 -22.10
N LYS B 222 -28.03 14.70 -22.92
CA LYS B 222 -26.70 15.01 -22.39
C LYS B 222 -26.32 16.48 -22.59
N PHE B 223 -27.01 17.16 -23.50
CA PHE B 223 -26.82 18.60 -23.67
C PHE B 223 -27.54 19.36 -22.57
N GLN B 224 -26.79 20.16 -21.83
CA GLN B 224 -27.34 20.90 -20.68
C GLN B 224 -28.14 22.14 -21.10
N THR B 225 -27.75 22.75 -22.21
CA THR B 225 -28.43 23.94 -22.71
C THR B 225 -29.58 23.59 -23.64
N ALA B 226 -30.65 24.38 -23.58
CA ALA B 226 -31.81 24.22 -24.45
C ALA B 226 -31.46 24.53 -25.91
N ALA B 227 -30.50 25.44 -26.11
CA ALA B 227 -30.04 25.83 -27.44
C ALA B 227 -29.42 24.66 -28.20
N GLN B 228 -28.52 23.93 -27.54
CA GLN B 228 -27.93 22.72 -28.09
C GLN B 228 -28.98 21.60 -28.20
N ARG B 229 -29.88 21.54 -27.22
CA ARG B 229 -30.93 20.52 -27.18
C ARG B 229 -31.93 20.67 -28.33
N THR B 230 -32.19 21.91 -28.74
CA THR B 230 -33.12 22.19 -29.83
C THR B 230 -32.53 21.80 -31.18
N MET B 231 -31.25 22.09 -31.38
CA MET B 231 -30.52 21.72 -32.60
C MET B 231 -30.48 20.20 -32.76
N VAL B 232 -30.42 19.49 -31.63
CA VAL B 232 -30.50 18.02 -31.61
C VAL B 232 -31.86 17.52 -32.08
N ASP B 233 -32.92 18.27 -31.79
CA ASP B 233 -34.27 17.97 -32.27
C ASP B 233 -34.38 18.22 -33.78
N GLN B 234 -33.74 19.28 -34.24
CA GLN B 234 -33.69 19.63 -35.66
C GLN B 234 -32.92 18.58 -36.47
N VAL B 235 -32.14 17.75 -35.78
CA VAL B 235 -31.46 16.61 -36.38
C VAL B 235 -32.23 15.31 -36.14
N ARG B 236 -33.08 15.32 -35.10
CA ARG B 236 -33.84 14.13 -34.71
C ARG B 236 -35.12 13.92 -35.52
N GLU B 237 -35.56 14.97 -36.20
CA GLU B 237 -36.80 14.91 -36.98
C GLU B 237 -36.53 15.03 -38.49
N SER B 238 -36.00 13.96 -39.08
CA SER B 238 -35.67 13.92 -40.50
C SER B 238 -35.64 12.47 -41.00
N ARG B 239 -35.96 12.28 -42.28
CA ARG B 239 -35.93 10.95 -42.90
C ARG B 239 -35.31 10.97 -44.30
N PRO B 241 -31.48 11.80 -43.53
CA PRO B 241 -30.39 12.66 -43.05
C PRO B 241 -29.23 12.72 -44.04
N GLY B 242 -28.86 13.94 -44.45
CA GLY B 242 -27.80 14.14 -45.43
C GLY B 242 -26.67 15.02 -44.93
N ASN B 243 -26.16 15.89 -45.80
CA ASN B 243 -25.08 16.81 -45.46
C ASN B 243 -25.41 17.74 -44.30
N ALA B 244 -26.54 18.43 -44.40
CA ALA B 244 -26.98 19.37 -43.37
C ALA B 244 -27.06 18.71 -41.99
N GLU B 245 -27.70 17.54 -41.94
CA GLU B 245 -27.81 16.75 -40.72
C GLU B 245 -26.44 16.34 -40.19
N PHE B 246 -25.59 15.81 -41.07
CA PHE B 246 -24.22 15.45 -40.74
C PHE B 246 -23.43 16.65 -40.20
N GLU B 247 -23.66 17.81 -40.81
CA GLU B 247 -22.99 19.05 -40.41
C GLU B 247 -23.47 19.55 -39.05
N ASP B 248 -24.76 19.37 -38.77
CA ASP B 248 -25.34 19.73 -37.47
C ASP B 248 -24.66 18.98 -36.32
N LEU B 249 -24.54 17.66 -36.48
CA LEU B 249 -23.91 16.80 -35.49
C LEU B 249 -22.43 17.14 -35.28
N ILE B 250 -21.74 17.47 -36.38
CA ILE B 250 -20.35 17.90 -36.33
C ILE B 250 -20.20 19.26 -35.63
N PHE B 251 -21.19 20.13 -35.83
CA PHE B 251 -21.22 21.44 -35.16
C PHE B 251 -21.51 21.29 -33.68
N LEU B 252 -22.57 20.56 -33.36
CA LEU B 252 -23.00 20.32 -31.98
C LEU B 252 -21.92 19.61 -31.16
N ALA B 253 -21.16 18.73 -31.82
CA ALA B 253 -20.04 18.05 -31.19
C ALA B 253 -18.90 19.02 -30.89
N ARG B 254 -18.62 19.91 -31.84
CA ARG B 254 -17.63 20.97 -31.66
C ARG B 254 -18.04 21.91 -30.53
N SER B 255 -19.35 22.11 -30.39
CA SER B 255 -19.92 22.94 -29.34
C SER B 255 -19.71 22.37 -27.94
N ALA B 256 -19.59 21.04 -27.85
CA ALA B 256 -19.41 20.34 -26.57
C ALA B 256 -18.02 20.53 -25.97
N LEU B 257 -17.10 21.11 -26.73
CA LEU B 257 -15.77 21.44 -26.23
C LEU B 257 -15.85 22.59 -25.23
N ILE B 258 -16.78 23.52 -25.47
CA ILE B 258 -16.99 24.67 -24.60
C ILE B 258 -18.28 24.50 -23.78
N LEU B 259 -19.42 24.37 -24.46
CA LEU B 259 -20.70 24.12 -23.82
C LEU B 259 -20.86 22.62 -23.56
N ARG B 260 -20.06 22.12 -22.61
CA ARG B 260 -19.93 20.68 -22.33
C ARG B 260 -21.24 19.94 -22.04
N GLY B 261 -21.24 18.63 -22.32
CA GLY B 261 -22.41 17.79 -22.11
C GLY B 261 -22.39 17.03 -20.80
N SER B 262 -23.57 16.56 -20.39
CA SER B 262 -23.74 15.78 -19.17
C SER B 262 -23.38 14.30 -19.39
N VAL B 263 -22.13 13.97 -19.08
CA VAL B 263 -21.59 12.63 -19.30
C VAL B 263 -21.31 11.96 -17.95
N ALA B 264 -21.94 10.82 -17.69
CA ALA B 264 -21.76 10.09 -16.43
C ALA B 264 -20.38 9.44 -16.35
N HIS B 265 -19.78 9.50 -15.17
CA HIS B 265 -18.48 8.88 -14.92
C HIS B 265 -18.62 7.84 -13.81
N LYS B 266 -18.19 6.62 -14.09
CA LYS B 266 -18.29 5.50 -13.16
C LYS B 266 -16.93 4.91 -12.84
N SER B 267 -16.72 4.57 -11.56
CA SER B 267 -15.52 3.85 -11.15
C SER B 267 -15.75 2.34 -11.22
N CYS B 268 -15.18 1.73 -12.25
CA CYS B 268 -15.34 0.30 -12.50
C CYS B 268 -13.98 -0.35 -12.48
N LEU B 269 -13.80 -1.25 -11.52
CA LEU B 269 -12.49 -1.86 -11.24
C LEU B 269 -12.37 -3.24 -11.89
N PRO B 270 -11.12 -3.75 -12.04
CA PRO B 270 -10.94 -5.12 -12.53
C PRO B 270 -11.67 -6.13 -11.67
N ALA B 271 -12.18 -7.18 -12.29
CA ALA B 271 -12.94 -8.22 -11.60
C ALA B 271 -12.17 -8.84 -10.42
N CYS B 272 -10.84 -8.84 -10.50
CA CYS B 272 -9.99 -9.40 -9.44
C CYS B 272 -10.10 -8.63 -8.13
N VAL B 273 -10.28 -7.31 -8.24
CA VAL B 273 -10.50 -6.47 -7.06
C VAL B 273 -11.76 -6.92 -6.32
N TYR B 274 -12.84 -7.11 -7.07
CA TYR B 274 -14.11 -7.54 -6.51
C TYR B 274 -14.03 -8.98 -5.98
N GLY B 275 -13.36 -9.85 -6.74
CA GLY B 275 -13.16 -11.24 -6.33
C GLY B 275 -12.41 -11.33 -5.01
N SER B 276 -11.36 -10.53 -4.88
CA SER B 276 -10.50 -10.52 -3.71
C SER B 276 -11.23 -10.06 -2.45
N ALA B 277 -12.06 -9.02 -2.58
CA ALA B 277 -12.83 -8.51 -1.46
C ALA B 277 -13.91 -9.49 -1.00
N VAL B 278 -14.65 -10.06 -1.96
CA VAL B 278 -15.66 -11.06 -1.66
C VAL B 278 -15.03 -12.30 -1.02
N ALA B 279 -13.84 -12.67 -1.50
CA ALA B 279 -13.08 -13.77 -0.91
C ALA B 279 -12.60 -13.45 0.51
N SER B 280 -12.13 -12.21 0.72
CA SER B 280 -11.61 -11.79 2.02
C SER B 280 -12.72 -11.53 3.05
N GLY B 281 -13.96 -11.47 2.58
CA GLY B 281 -15.11 -11.34 3.47
C GLY B 281 -15.77 -9.98 3.46
N TYR B 282 -15.81 -9.34 2.30
CA TYR B 282 -16.57 -8.12 2.14
C TYR B 282 -17.87 -8.47 1.43
N ASP B 283 -18.99 -8.18 2.09
CA ASP B 283 -20.30 -8.50 1.55
C ASP B 283 -20.91 -7.24 0.93
N PHE B 284 -20.65 -7.05 -0.37
CA PHE B 284 -21.12 -5.86 -1.08
C PHE B 284 -22.64 -5.72 -1.08
N GLU B 285 -23.34 -6.86 -0.99
CA GLU B 285 -24.80 -6.86 -0.93
C GLU B 285 -25.28 -6.25 0.39
N ARG B 286 -24.69 -6.70 1.49
CA ARG B 286 -25.06 -6.21 2.82
C ARG B 286 -24.52 -4.80 3.07
N GLU B 287 -23.28 -4.57 2.65
CA GLU B 287 -22.59 -3.29 2.90
C GLU B 287 -23.07 -2.21 1.94
N GLY B 288 -23.59 -2.62 0.79
CA GLY B 288 -23.96 -1.68 -0.26
C GLY B 288 -22.73 -1.30 -1.05
N TYR B 289 -22.94 -0.55 -2.14
CA TYR B 289 -21.84 -0.08 -2.97
C TYR B 289 -22.30 0.99 -3.96
N SER B 290 -21.39 1.93 -4.27
CA SER B 290 -21.62 2.94 -5.29
C SER B 290 -20.43 3.03 -6.25
N LEU B 291 -20.65 3.59 -7.43
CA LEU B 291 -19.61 3.72 -8.43
C LEU B 291 -19.18 5.17 -8.59
N VAL B 292 -19.86 6.05 -7.88
CA VAL B 292 -19.58 7.49 -7.90
C VAL B 292 -19.20 8.02 -6.51
N GLY B 293 -19.46 7.21 -5.49
CA GLY B 293 -19.18 7.58 -4.10
C GLY B 293 -17.75 7.28 -3.67
N ILE B 294 -17.56 7.18 -2.35
CA ILE B 294 -16.25 6.87 -1.78
C ILE B 294 -15.93 5.38 -1.94
N ASP B 295 -16.98 4.57 -2.01
CA ASP B 295 -16.87 3.10 -2.05
C ASP B 295 -15.70 2.55 -2.87
N PRO B 296 -15.58 2.94 -4.16
CA PRO B 296 -14.49 2.38 -4.97
C PRO B 296 -13.11 2.78 -4.47
N PHE B 297 -12.98 4.01 -3.96
CA PHE B 297 -11.71 4.49 -3.42
C PHE B 297 -11.24 3.65 -2.24
N ARG B 298 -12.15 3.41 -1.30
CA ARG B 298 -11.87 2.60 -0.12
C ARG B 298 -11.50 1.18 -0.49
N LEU B 299 -12.14 0.66 -1.53
CA LEU B 299 -11.84 -0.68 -2.04
C LEU B 299 -10.41 -0.77 -2.57
N LEU B 300 -9.96 0.26 -3.29
CA LEU B 300 -8.58 0.31 -3.79
C LEU B 300 -7.56 0.54 -2.68
N GLN B 301 -7.99 1.17 -1.59
CA GLN B 301 -7.14 1.33 -0.41
C GLN B 301 -6.90 -0.01 0.28
N ASN B 302 -7.86 -0.92 0.11
CA ASN B 302 -7.79 -2.26 0.68
C ASN B 302 -7.58 -3.34 -0.38
N SER B 303 -7.04 -2.93 -1.52
CA SER B 303 -6.77 -3.85 -2.62
C SER B 303 -5.30 -3.83 -3.01
N GLN B 304 -4.84 -4.95 -3.59
CA GLN B 304 -3.50 -5.05 -4.13
C GLN B 304 -3.55 -5.75 -5.49
N VAL B 305 -3.42 -4.96 -6.55
CA VAL B 305 -3.47 -5.49 -7.91
C VAL B 305 -2.07 -5.53 -8.53
N TYR B 306 -1.81 -6.59 -9.29
CA TYR B 306 -0.51 -6.79 -9.91
C TYR B 306 -0.55 -6.56 -11.42
N SER B 307 0.60 -6.22 -11.98
CA SER B 307 0.72 -6.10 -13.43
C SER B 307 2.08 -6.62 -13.84
N LEU B 308 2.11 -7.24 -15.02
CA LEU B 308 3.37 -7.61 -15.64
C LEU B 308 3.96 -6.36 -16.26
N ILE B 309 5.28 -6.25 -16.21
CA ILE B 309 5.95 -5.06 -16.71
C ILE B 309 7.11 -5.39 -17.65
N ARG B 310 7.15 -4.67 -18.78
CA ARG B 310 8.19 -4.82 -19.79
C ARG B 310 9.49 -4.17 -19.30
N PRO B 311 10.65 -4.71 -19.73
CA PRO B 311 11.98 -4.29 -19.27
C PRO B 311 12.16 -2.78 -19.05
N ASN B 312 11.76 -1.97 -20.03
CA ASN B 312 12.01 -0.53 -19.94
C ASN B 312 10.78 0.30 -19.55
N GLU B 313 9.96 -0.25 -18.66
CA GLU B 313 8.74 0.44 -18.22
C GLU B 313 8.82 0.83 -16.74
N ASN B 314 8.35 2.04 -16.45
CA ASN B 314 8.27 2.54 -15.08
C ASN B 314 6.96 2.10 -14.43
N PRO B 315 7.05 1.26 -13.38
CA PRO B 315 5.87 0.72 -12.69
C PRO B 315 4.95 1.78 -12.09
N ALA B 316 5.49 2.97 -11.84
CA ALA B 316 4.71 4.10 -11.36
C ALA B 316 3.81 4.65 -12.47
N HIS B 317 4.32 4.65 -13.70
CA HIS B 317 3.57 5.11 -14.86
C HIS B 317 2.48 4.11 -15.29
N LYS B 318 2.76 2.82 -15.11
CA LYS B 318 1.77 1.77 -15.32
C LYS B 318 0.64 1.95 -14.32
N SER B 319 1.01 2.10 -13.04
CA SER B 319 0.06 2.34 -11.96
C SER B 319 -0.79 3.57 -12.23
N GLN B 320 -0.18 4.63 -12.76
CA GLN B 320 -0.88 5.87 -13.08
C GLN B 320 -1.94 5.65 -14.16
N LEU B 321 -1.61 4.83 -15.15
CA LEU B 321 -2.50 4.52 -16.26
C LEU B 321 -3.75 3.77 -15.78
N VAL B 322 -3.54 2.70 -15.02
CA VAL B 322 -4.62 1.87 -14.48
C VAL B 322 -5.48 2.70 -13.52
N TRP B 323 -4.83 3.51 -12.69
CA TRP B 323 -5.52 4.39 -11.76
C TRP B 323 -6.50 5.33 -12.47
N MET B 324 -6.03 5.92 -13.58
CA MET B 324 -6.87 6.80 -14.40
C MET B 324 -8.06 6.05 -14.99
N ALA B 325 -7.80 4.83 -15.45
CA ALA B 325 -8.83 3.95 -16.00
C ALA B 325 -9.88 3.59 -14.95
N CYS B 326 -9.40 3.24 -13.75
CA CYS B 326 -10.27 2.86 -12.64
C CYS B 326 -11.31 3.92 -12.29
N HIS B 327 -10.99 5.18 -12.54
CA HIS B 327 -11.86 6.30 -12.14
C HIS B 327 -12.38 7.15 -13.29
N SER B 328 -12.42 6.59 -14.50
CA SER B 328 -12.88 7.30 -15.71
C SER B 328 -12.15 8.62 -15.99
N ALA B 329 -10.91 8.72 -15.54
CA ALA B 329 -10.19 9.99 -15.49
C ALA B 329 -9.37 10.34 -16.74
N ALA B 330 -9.48 9.53 -17.80
CA ALA B 330 -8.69 9.74 -19.02
C ALA B 330 -8.76 11.17 -19.57
N PHE B 331 -9.96 11.76 -19.56
CA PHE B 331 -10.15 13.08 -20.16
C PHE B 331 -10.23 14.21 -19.12
N GLU B 332 -9.83 13.90 -17.89
CA GLU B 332 -9.81 14.88 -16.82
C GLU B 332 -8.67 15.88 -16.95
N ASP B 333 -8.79 16.97 -16.20
CA ASP B 333 -7.71 17.92 -15.98
C ASP B 333 -6.64 17.22 -15.15
N LEU B 334 -5.41 17.24 -15.65
CA LEU B 334 -4.28 16.56 -15.01
C LEU B 334 -4.00 17.07 -13.60
N ARG B 335 -4.26 18.36 -13.38
CA ARG B 335 -3.99 19.00 -12.09
C ARG B 335 -4.92 18.50 -11.00
N VAL B 336 -6.21 18.36 -11.34
CA VAL B 336 -7.21 17.87 -10.39
C VAL B 336 -7.02 16.38 -10.11
N SER B 337 -6.55 15.64 -11.11
CA SER B 337 -6.24 14.22 -10.96
C SER B 337 -4.99 14.03 -10.10
N SER B 338 -3.99 14.89 -10.32
CA SER B 338 -2.78 14.90 -9.50
C SER B 338 -3.09 15.25 -8.05
N PHE B 339 -3.92 16.27 -7.86
CA PHE B 339 -4.30 16.71 -6.53
C PHE B 339 -5.02 15.60 -5.73
N ILE B 340 -5.94 14.91 -6.39
CA ILE B 340 -6.67 13.81 -5.76
C ILE B 340 -5.75 12.61 -5.49
N ARG B 341 -4.92 12.28 -6.48
CA ARG B 341 -4.06 11.10 -6.42
C ARG B 341 -3.00 11.21 -5.32
N GLY B 342 -2.22 12.29 -5.37
CA GLY B 342 -1.13 12.50 -4.42
C GLY B 342 0.17 12.78 -5.14
N THR B 343 0.45 11.96 -6.16
CA THR B 343 1.62 12.16 -7.01
C THR B 343 1.19 12.85 -8.30
N LYS B 344 2.16 13.19 -9.15
CA LYS B 344 1.88 13.90 -10.39
C LYS B 344 1.24 12.97 -11.41
N VAL B 345 0.11 13.39 -11.97
CA VAL B 345 -0.51 12.68 -13.09
C VAL B 345 0.05 13.24 -14.39
N VAL B 346 1.08 12.56 -14.88
CA VAL B 346 1.82 12.93 -16.07
C VAL B 346 0.97 12.73 -17.34
N PRO B 347 1.09 13.63 -18.33
CA PRO B 347 0.44 13.42 -19.64
C PRO B 347 0.94 12.17 -20.37
N ARG B 348 0.11 11.62 -21.26
CA ARG B 348 0.37 10.34 -21.92
C ARG B 348 1.71 10.26 -22.65
N GLY B 349 2.13 11.37 -23.24
CA GLY B 349 3.36 11.43 -24.04
C GLY B 349 4.63 11.30 -23.23
N LYS B 350 4.58 11.76 -21.98
CA LYS B 350 5.75 11.69 -21.08
C LYS B 350 5.61 10.53 -20.10
N LEU B 351 4.80 9.55 -20.48
CA LEU B 351 4.53 8.37 -19.66
C LEU B 351 5.37 7.20 -20.16
N SER B 352 6.31 6.74 -19.34
CA SER B 352 7.26 5.70 -19.72
C SER B 352 6.70 4.28 -19.52
N THR B 353 5.68 3.95 -20.31
CA THR B 353 5.06 2.62 -20.30
C THR B 353 4.18 2.43 -21.54
N ARG B 354 3.98 1.18 -21.94
CA ARG B 354 3.02 0.86 -22.98
C ARG B 354 1.79 0.20 -22.35
N GLY B 355 0.88 -0.30 -23.19
CA GLY B 355 -0.39 -0.89 -22.73
C GLY B 355 -0.30 -1.95 -21.64
N VAL B 356 -1.42 -2.16 -20.96
CA VAL B 356 -1.53 -3.14 -19.87
C VAL B 356 -1.46 -4.57 -20.41
N GLN B 357 -2.13 -4.80 -21.53
CA GLN B 357 -2.14 -6.12 -22.16
C GLN B 357 -0.80 -6.43 -22.79
N ILE B 358 -0.51 -7.71 -22.91
CA ILE B 358 0.73 -8.16 -23.51
C ILE B 358 0.44 -8.97 -24.77
N ALA B 359 1.02 -8.54 -25.88
CA ALA B 359 0.80 -9.14 -27.19
C ALA B 359 1.39 -10.54 -27.28
N SER B 360 0.93 -11.31 -28.25
CA SER B 360 1.34 -12.72 -28.40
C SER B 360 2.80 -12.88 -28.82
N ASN B 361 3.38 -11.84 -29.41
CA ASN B 361 4.74 -11.88 -29.92
C ASN B 361 5.80 -11.40 -28.93
N GLU B 362 5.35 -11.01 -27.74
CA GLU B 362 6.25 -10.49 -26.72
C GLU B 362 7.00 -11.62 -26.01
N ASN B 363 8.23 -11.35 -25.59
CA ASN B 363 9.04 -12.34 -24.89
C ASN B 363 8.72 -12.38 -23.39
N MET B 364 8.23 -13.53 -22.93
CA MET B 364 7.88 -13.73 -21.52
C MET B 364 9.09 -13.77 -20.59
N GLU B 365 10.24 -14.18 -21.13
CA GLU B 365 11.47 -14.33 -20.35
C GLU B 365 12.02 -13.00 -19.81
N THR B 366 11.58 -11.90 -20.39
CA THR B 366 12.00 -10.57 -19.96
C THR B 366 10.92 -9.87 -19.13
N MET B 367 9.88 -10.63 -18.78
CA MET B 367 8.73 -10.07 -18.06
C MET B 367 8.90 -10.17 -16.54
N GLU B 368 8.61 -9.07 -15.86
CA GLU B 368 8.58 -9.04 -14.39
C GLU B 368 7.20 -8.56 -13.93
N SER B 369 6.82 -8.94 -12.70
CA SER B 369 5.55 -8.48 -12.15
C SER B 369 5.75 -7.51 -11.01
N SER B 370 4.90 -6.49 -10.96
CA SER B 370 4.99 -5.45 -9.96
C SER B 370 3.62 -5.09 -9.38
N THR B 371 3.63 -4.55 -8.17
CA THR B 371 2.45 -4.00 -7.54
C THR B 371 2.02 -2.76 -8.30
N LEU B 372 0.72 -2.64 -8.57
CA LEU B 372 0.15 -1.42 -9.12
C LEU B 372 -0.30 -0.55 -7.96
N GLU B 373 0.34 0.62 -7.80
CA GLU B 373 -0.10 1.58 -6.79
C GLU B 373 -1.38 2.26 -7.27
N LEU B 374 -2.49 1.91 -6.64
CA LEU B 374 -3.80 2.38 -7.07
C LEU B 374 -4.51 3.20 -6.00
N ARG B 375 -3.82 3.44 -4.89
CA ARG B 375 -4.34 4.26 -3.79
C ARG B 375 -4.44 5.74 -4.20
N SER B 376 -5.06 6.54 -3.33
CA SER B 376 -5.22 7.98 -3.55
C SER B 376 -5.05 8.74 -2.24
N ARG B 377 -4.61 10.00 -2.33
CA ARG B 377 -4.49 10.88 -1.16
C ARG B 377 -5.86 11.37 -0.72
N TYR B 378 -6.72 11.67 -1.70
CA TYR B 378 -8.08 12.10 -1.44
C TYR B 378 -9.08 11.30 -2.28
N TRP B 379 -10.38 11.51 -2.01
CA TRP B 379 -11.42 11.04 -2.92
C TRP B 379 -12.33 12.20 -3.31
N ALA B 380 -12.99 12.04 -4.45
CA ALA B 380 -13.96 13.01 -4.92
C ALA B 380 -15.11 12.28 -5.60
N ILE B 381 -16.32 12.80 -5.43
CA ILE B 381 -17.50 12.23 -6.07
C ILE B 381 -17.35 12.30 -7.59
N ARG B 382 -17.89 11.32 -8.28
CA ARG B 382 -17.88 11.33 -9.73
C ARG B 382 -19.14 11.99 -10.26
N THR B 383 -18.94 12.96 -11.16
CA THR B 383 -20.03 13.78 -11.65
C THR B 383 -20.58 13.31 -12.98
N ARG B 384 -21.87 13.54 -13.17
CA ARG B 384 -22.54 13.32 -14.45
C ARG B 384 -22.64 14.65 -15.19
N SER B 385 -22.24 15.73 -14.52
CA SER B 385 -22.37 17.08 -15.07
C SER B 385 -21.13 17.54 -15.84
N GLY B 386 -21.35 18.45 -16.79
CA GLY B 386 -20.28 19.09 -17.55
C GLY B 386 -19.93 20.44 -16.96
N GLY B 397 -26.42 35.19 -3.78
CA GLY B 397 -25.38 35.94 -3.07
C GLY B 397 -24.68 36.97 -3.94
N GLN B 398 -23.69 37.65 -3.35
CA GLN B 398 -22.92 38.71 -4.02
C GLN B 398 -22.25 38.23 -5.30
N ILE B 399 -22.63 38.82 -6.43
CA ILE B 399 -22.07 38.45 -7.74
C ILE B 399 -20.95 39.38 -8.21
N SER B 400 -21.04 40.67 -7.83
CA SER B 400 -20.04 41.67 -8.21
C SER B 400 -19.38 42.34 -7.00
N ILE B 401 -18.35 43.15 -7.26
CA ILE B 401 -17.62 43.84 -6.20
C ILE B 401 -17.53 45.34 -6.48
N GLN B 402 -17.77 46.14 -5.44
CA GLN B 402 -17.62 47.59 -5.53
C GLN B 402 -16.38 48.02 -4.75
N PRO B 403 -15.44 48.70 -5.42
CA PRO B 403 -14.19 49.12 -4.81
C PRO B 403 -14.37 50.16 -3.70
N THR B 404 -13.64 49.97 -2.60
CA THR B 404 -13.62 50.94 -1.51
C THR B 404 -12.25 51.59 -1.45
N PHE B 405 -11.20 50.81 -1.68
CA PHE B 405 -9.82 51.29 -1.59
C PHE B 405 -9.18 51.46 -2.96
N SER B 406 -8.43 52.56 -3.11
CA SER B 406 -7.68 52.85 -4.33
C SER B 406 -6.41 52.01 -4.39
N VAL B 407 -6.54 50.80 -4.92
CA VAL B 407 -5.43 49.86 -5.05
C VAL B 407 -5.50 49.15 -6.40
N GLN B 408 -4.34 48.88 -7.00
CA GLN B 408 -4.25 48.16 -8.27
C GLN B 408 -4.60 46.68 -8.10
N ARG B 409 -5.52 46.21 -8.94
CA ARG B 409 -6.10 44.86 -8.84
C ARG B 409 -7.14 44.64 -9.92
N ASN B 410 -7.51 43.38 -10.12
CA ASN B 410 -8.70 43.04 -10.89
C ASN B 410 -9.95 43.33 -10.06
N LEU B 411 -11.03 43.72 -10.74
CA LEU B 411 -12.31 43.92 -10.07
C LEU B 411 -13.27 42.80 -10.49
N PRO B 412 -13.28 41.69 -9.71
CA PRO B 412 -13.96 40.47 -10.13
C PRO B 412 -15.48 40.55 -10.12
N PHE B 413 -16.09 39.93 -11.13
CA PHE B 413 -17.52 39.73 -11.21
C PHE B 413 -17.80 38.43 -11.96
N ASP B 414 -18.76 37.66 -11.48
CA ASP B 414 -19.13 36.41 -12.14
C ASP B 414 -19.79 36.72 -13.49
N ARG B 415 -19.06 36.38 -14.56
CA ARG B 415 -19.46 36.74 -15.93
C ARG B 415 -20.70 36.02 -16.44
N PRO B 416 -20.81 34.69 -16.24
CA PRO B 416 -22.01 33.98 -16.73
C PRO B 416 -23.31 34.46 -16.09
N THR B 417 -23.37 34.48 -14.76
CA THR B 417 -24.59 34.83 -14.02
C THR B 417 -25.04 36.28 -14.21
N ILE B 418 -24.14 37.13 -14.68
CA ILE B 418 -24.48 38.52 -14.98
C ILE B 418 -24.94 38.67 -16.42
N MET B 419 -24.17 38.11 -17.35
CA MET B 419 -24.41 38.27 -18.79
C MET B 419 -25.58 37.47 -19.32
N ALA B 420 -25.67 36.20 -18.91
CA ALA B 420 -26.78 35.34 -19.29
C ALA B 420 -28.06 35.76 -18.55
N ALA B 421 -28.64 36.88 -19.01
CA ALA B 421 -29.83 37.46 -18.40
C ALA B 421 -30.63 38.26 -19.43
N ARG B 434 -28.47 27.70 -33.38
CA ARG B 434 -27.13 27.60 -33.96
C ARG B 434 -26.37 28.92 -33.85
N THR B 435 -27.04 30.01 -34.21
CA THR B 435 -26.48 31.36 -34.13
C THR B 435 -26.18 31.76 -32.69
N GLU B 436 -27.07 31.38 -31.79
CA GLU B 436 -26.90 31.60 -30.35
C GLU B 436 -25.74 30.77 -29.81
N ILE B 437 -25.65 29.51 -30.25
CA ILE B 437 -24.63 28.57 -29.79
C ILE B 437 -23.20 29.06 -30.08
N ILE B 438 -22.99 29.62 -31.27
CA ILE B 438 -21.69 30.16 -31.66
C ILE B 438 -21.32 31.37 -30.79
N ARG B 439 -22.32 32.18 -30.47
CA ARG B 439 -22.14 33.34 -29.58
C ARG B 439 -21.90 32.91 -28.14
N LEU B 440 -22.62 31.88 -27.70
CA LEU B 440 -22.45 31.29 -26.37
C LEU B 440 -21.02 30.80 -26.13
N MET B 441 -20.45 30.13 -27.12
CA MET B 441 -19.09 29.57 -27.04
C MET B 441 -18.00 30.63 -26.86
N GLU B 442 -18.12 31.74 -27.59
CA GLU B 442 -17.17 32.85 -27.51
C GLU B 442 -17.36 33.65 -26.21
N SER B 443 -18.62 33.73 -25.76
CA SER B 443 -18.97 34.40 -24.51
C SER B 443 -18.28 33.75 -23.31
N ALA B 444 -18.29 32.42 -23.29
CA ALA B 444 -17.61 31.63 -22.25
C ALA B 444 -16.10 31.73 -22.36
N ARG B 445 -15.41 31.42 -21.25
CA ARG B 445 -13.97 31.54 -21.17
C ARG B 445 -13.34 30.34 -20.46
N PRO B 446 -12.14 29.91 -20.89
CA PRO B 446 -11.37 28.83 -20.27
C PRO B 446 -11.16 28.97 -18.77
N GLU B 447 -11.03 30.21 -18.28
CA GLU B 447 -10.74 30.45 -16.87
C GLU B 447 -11.97 30.65 -15.97
N ASP B 448 -13.16 30.48 -16.55
CA ASP B 448 -14.41 30.49 -15.79
C ASP B 448 -14.43 29.30 -14.84
N VAL B 449 -14.86 29.55 -13.61
CA VAL B 449 -14.94 28.49 -12.59
C VAL B 449 -16.24 27.71 -12.65
N SER B 450 -16.14 26.40 -12.45
CA SER B 450 -17.29 25.51 -12.43
C SER B 450 -17.23 24.60 -11.20
N PHE B 451 -18.34 23.92 -10.90
CA PHE B 451 -18.49 23.11 -9.68
C PHE B 451 -18.16 23.91 -8.41
N GLN B 452 -18.56 25.19 -8.41
CA GLN B 452 -18.22 26.13 -7.34
C GLN B 452 -18.61 25.62 -5.95
N GLY B 453 -17.66 25.70 -5.02
CA GLY B 453 -17.88 25.27 -3.65
C GLY B 453 -17.52 23.81 -3.39
N ARG B 454 -17.57 22.98 -4.43
CA ARG B 454 -17.28 21.55 -4.33
C ARG B 454 -15.78 21.27 -4.18
N GLY B 455 -15.44 20.37 -3.27
CA GLY B 455 -14.04 20.01 -3.03
C GLY B 455 -13.80 18.52 -2.86
N VAL B 456 -12.53 18.16 -2.71
CA VAL B 456 -12.13 16.77 -2.45
C VAL B 456 -12.36 16.43 -0.96
N PHE B 457 -12.25 15.15 -0.63
CA PHE B 457 -12.47 14.71 0.74
C PHE B 457 -11.34 13.82 1.23
N GLU B 458 -11.11 13.86 2.54
CA GLU B 458 -10.19 12.93 3.21
C GLU B 458 -10.76 11.51 3.10
N LEU B 459 -9.88 10.52 3.11
CA LEU B 459 -10.28 9.12 2.99
C LEU B 459 -11.18 8.69 4.15
N SER B 460 -10.88 9.19 5.35
CA SER B 460 -11.64 8.85 6.56
C SER B 460 -13.01 9.53 6.63
N ASP B 461 -13.21 10.55 5.79
CA ASP B 461 -14.48 11.27 5.72
C ASP B 461 -15.53 10.43 4.97
N GLU B 462 -16.16 9.50 5.70
CA GLU B 462 -17.13 8.56 5.13
C GLU B 462 -18.27 9.29 4.41
N LYS B 463 -19.01 10.11 5.15
CA LYS B 463 -20.02 10.98 4.56
C LYS B 463 -19.33 12.19 3.94
N ALA B 464 -19.93 12.75 2.89
CA ALA B 464 -19.34 13.89 2.19
C ALA B 464 -19.47 15.18 3.02
N THR B 465 -18.66 15.28 4.06
CA THR B 465 -18.81 16.34 5.06
C THR B 465 -17.99 17.59 4.71
N SER B 466 -16.69 17.55 5.01
CA SER B 466 -15.82 18.71 4.85
C SER B 466 -15.04 18.68 3.53
N PRO B 467 -15.52 19.44 2.52
CA PRO B 467 -14.84 19.52 1.23
C PRO B 467 -13.59 20.38 1.29
N ILE B 468 -12.56 19.99 0.54
CA ILE B 468 -11.30 20.74 0.47
C ILE B 468 -11.05 21.26 -0.95
N VAL B 469 -11.37 22.54 -1.16
CA VAL B 469 -11.23 23.18 -2.48
C VAL B 469 -9.76 23.54 -2.77
N PRO B 470 -9.19 22.94 -3.84
CA PRO B 470 -7.77 23.13 -4.17
C PRO B 470 -7.46 24.44 -4.90
N SER B 471 -6.25 24.95 -4.69
CA SER B 471 -5.75 26.11 -5.40
C SER B 471 -4.93 25.67 -6.61
N PHE B 472 -5.28 26.18 -7.79
CA PHE B 472 -4.61 25.81 -9.03
C PHE B 472 -3.98 27.02 -9.71
N SER B 479 -2.42 20.03 -18.27
CA SER B 479 -3.80 19.69 -17.93
C SER B 479 -4.43 18.64 -18.86
N TYR B 480 -3.92 18.55 -20.09
CA TYR B 480 -4.40 17.58 -21.07
C TYR B 480 -3.55 16.32 -21.05
N PHE B 481 -4.20 15.18 -20.86
CA PHE B 481 -3.51 13.88 -20.88
C PHE B 481 -3.03 13.56 -22.30
N PHE B 482 -3.90 13.80 -23.28
CA PHE B 482 -3.57 13.56 -24.68
C PHE B 482 -3.19 14.87 -25.40
N GLY B 483 -2.43 15.71 -24.72
CA GLY B 483 -2.02 17.01 -25.26
C GLY B 483 -0.93 16.89 -26.31
C1 0MF C . 5.75 -15.92 -5.81
C2 0MF C . 7.03 -15.44 -6.06
C3 0MF C . 14.69 -11.05 -3.46
C4 0MF C . 4.65 -15.32 -6.42
C5 0MF C . 7.21 -14.33 -6.91
C6 0MF C . 13.42 -10.89 -4.08
C7 0MF C . 8.20 -11.40 -2.81
C8 0MF C . 7.14 -12.16 -0.35
C9 0MF C . 14.45 -11.43 -2.16
C10 0MF C . 4.81 -14.23 -7.26
C11 0MF C . 3.35 -12.24 -7.95
C12 0MF C . 6.82 -11.49 -2.65
C13 0MF C . 9.03 -11.70 -1.74
C14 0MF C . 8.51 -12.08 -0.51
C15 0MF C . 6.11 -13.74 -7.51
C16 0MF C . 6.29 -11.86 -1.41
C17 0MF C . 3.65 -13.62 -7.85
C18 0MF C . 12.50 -11.20 -3.10
C19 0MF C . 2.13 -12.22 -8.59
C20 0MF C . 4.10 -11.06 -7.52
C21 0MF C . 11.04 -11.23 -3.14
C22 0MF C . 6.44 -10.24 -4.75
C23 0MF C . 5.38 -12.39 -4.35
C24 0MF C . 5.28 -9.82 -5.65
C25 0MF C . 4.20 -12.01 -5.24
C26 0MF C . 1.22 -11.15 -9.02
N28 0MF C . 2.68 -14.38 -8.38
N29 0MF C . 6.00 -11.20 -3.74
N30 0MF C . 4.53 -10.95 -6.20
N31 0MF C . 10.40 -11.59 -1.95
N32 0MF C . 9.34 -12.38 0.61
O33 0MF C . 8.83 -12.94 1.61
O34 0MF C . 4.31 -10.22 -8.40
O35 0MF C . 10.43 -10.94 -4.17
O36 0MF C . 10.58 -12.17 0.54
O37 0MF C . 13.11 -11.53 -1.93
O38 0MF C . 1.72 -13.49 -8.84
O39 0MF C . 6.32 -12.67 -8.33
CL4 0MF C . 4.60 -11.98 -1.13
C1 0MF D . -15.94 -5.94 6.20
C2 0MF D . -16.48 -4.65 6.27
C3 0MF D . -18.42 4.28 2.88
C4 0MF D . -14.74 -6.23 6.86
C5 0MF D . -15.80 -3.66 6.99
C6 0MF D . -17.50 3.52 3.64
C7 0MF D . -14.32 -0.94 2.90
C8 0MF D . -14.22 -2.40 0.51
C9 0MF D . -18.49 3.68 1.65
C10 0MF D . -14.07 -5.24 7.57
C11 0MF D . -11.64 -4.84 8.27
C12 0MF D . -13.49 -2.04 2.79
C13 0MF D . -15.10 -0.55 1.80
C14 0MF D . -15.04 -1.28 0.61
C15 0MF D . -14.61 -3.95 7.65
C16 0MF D . -13.45 -2.76 1.60
C17 0MF D . -12.84 -5.58 8.23
C18 0MF D . -17.06 2.50 2.81
C19 0MF D . -10.81 -5.62 9.02
C20 0MF D . -11.26 -3.54 7.68
C21 0MF D . -16.10 1.40 3.02
C22 0MF D . -12.24 -1.43 4.85
C23 0MF D . -13.13 -3.70 4.55
C24 0MF D . -11.09 -2.00 5.66
C25 0MF D . -12.02 -4.27 5.42
C26 0MF D . -9.42 -5.48 9.47
C27 0MF D . -14.59 -1.68 8.36
N28 0MF D . -12.74 -6.72 8.90
N29 0MF D . -12.72 -2.43 3.91
N30 0MF D . -11.45 -3.26 6.32
N31 0MF D . -15.93 0.56 1.90
N32 0MF D . -15.83 -0.91 -0.51
O33 0MF D . -15.98 -1.73 -1.43
O34 0MF D . -10.78 -2.72 8.48
O35 0MF D . -15.53 1.25 4.09
O36 0MF D . -16.51 0.14 -0.43
O37 0MF D . -17.67 2.60 1.59
O38 0MF D . -11.46 -6.75 9.41
O39 0MF D . -13.98 -2.97 8.34
CL4 0MF D . -12.44 -4.15 1.42
#